data_9UDV
#
_entry.id   9UDV
#
_cell.length_a   1.00
_cell.length_b   1.00
_cell.length_c   1.00
_cell.angle_alpha   90.00
_cell.angle_beta   90.00
_cell.angle_gamma   90.00
#
_symmetry.space_group_name_H-M   'P 1'
#
loop_
_entity.id
_entity.type
_entity.pdbx_description
1 polymer 'Glucose-6-phosphate exchanger SLC37A2'
2 non-polymer 6-O-phosphono-alpha-D-glucopyranose
3 water water
#
_entity_poly.entity_id   1
_entity_poly.type   'polypeptide(L)'
_entity_poly.pdbx_seq_one_letter_code
;MRSSLAPGVWFFRAFSRDSWFRGLILLLTFLIYACYHMSRKPISIVKSRLHQNCSEQIKPINDTHSLNDTMWCSWAPFDK
DNYKELLGGVDNAFLIAYAIGMFISGVFGERLPLRYYLSAGMLLSGLFTSLFGLGYFWNIHELWYFVVIQVCNGLVQTTG
WPSVVTCVGNWFGKGKRGFIMGIWNSHTSVGNILGSLIAGIWVNGQWGLSFIVPGIITAVMGVITFLFLIEHPEDVDCAP
PQHHGEPAENQDNPEDPGNSPCSIRESGLETVAKCSKGPCEEPAAISFFGALRIPGVVEFSLCLLFAKLVSYTFLYWLPL
YIANVAHFSAKEAGDLSTLFDVGGIIGGIVAGLVSDYTNGRATTCCVMLILAAPMMFLYNYIGQDGIASSIVMLIICGGL
VNGPYALITTAVSADLGTHKSLKGNAKALSTVTAIIDGTGSIGAALGPLLAGLISPTGWNNVFYMLISADVLACLLLCRL
VYKEILAWKVSLSRGSGYKEI
;
_entity_poly.pdbx_strand_id   A,B
#
loop_
_chem_comp.id
_chem_comp.type
_chem_comp.name
_chem_comp.formula
G6P D-saccharide, alpha linking 6-O-phosphono-alpha-D-glucopyranose 'C6 H13 O9 P'
#
# COMPACT_ATOMS: atom_id res chain seq x y z
N MET A 1 -24.00 -15.77 -21.24
CA MET A 1 -22.75 -15.92 -21.98
C MET A 1 -21.88 -14.68 -21.82
N ARG A 2 -20.62 -14.89 -21.48
CA ARG A 2 -19.68 -13.78 -21.32
C ARG A 2 -19.40 -13.11 -22.66
N SER A 3 -19.22 -11.80 -22.64
CA SER A 3 -19.09 -11.03 -23.87
C SER A 3 -18.02 -9.96 -23.67
N SER A 4 -18.01 -8.97 -24.56
CA SER A 4 -16.84 -8.12 -24.78
C SER A 4 -16.54 -7.15 -23.65
N LEU A 5 -17.46 -6.94 -22.72
CA LEU A 5 -17.19 -6.00 -21.63
C LEU A 5 -16.69 -6.77 -20.42
N ALA A 6 -15.67 -6.20 -19.77
CA ALA A 6 -15.01 -6.88 -18.65
C ALA A 6 -15.93 -6.94 -17.44
N PRO A 7 -15.78 -7.98 -16.60
CA PRO A 7 -16.62 -8.07 -15.39
C PRO A 7 -16.41 -6.94 -14.39
N GLY A 8 -15.17 -6.54 -14.15
CA GLY A 8 -14.93 -5.43 -13.25
C GLY A 8 -15.43 -4.10 -13.75
N VAL A 9 -15.31 -3.84 -15.06
CA VAL A 9 -15.83 -2.61 -15.65
C VAL A 9 -17.35 -2.64 -15.70
N TRP A 10 -17.95 -3.80 -15.93
CA TRP A 10 -19.41 -3.88 -15.90
C TRP A 10 -19.96 -3.71 -14.50
N PHE A 11 -19.23 -4.16 -13.48
CA PHE A 11 -19.67 -3.90 -12.12
C PHE A 11 -19.48 -2.43 -11.76
N PHE A 12 -18.31 -1.85 -12.05
CA PHE A 12 -18.06 -0.46 -11.69
C PHE A 12 -18.80 0.53 -12.59
N ARG A 13 -19.47 0.06 -13.64
CA ARG A 13 -20.25 0.97 -14.48
C ARG A 13 -21.59 1.30 -13.84
N ALA A 14 -22.20 0.32 -13.16
CA ALA A 14 -23.58 0.45 -12.70
C ALA A 14 -23.78 1.42 -11.56
N PHE A 15 -22.73 1.99 -10.98
CA PHE A 15 -22.86 2.99 -9.94
C PHE A 15 -22.93 4.38 -10.56
N SER A 16 -23.77 5.23 -9.96
CA SER A 16 -24.06 6.55 -10.53
C SER A 16 -22.96 7.54 -10.17
N ARG A 17 -23.17 8.81 -10.54
CA ARG A 17 -22.16 9.83 -10.28
C ARG A 17 -22.14 10.22 -8.81
N ASP A 18 -23.30 10.23 -8.16
CA ASP A 18 -23.37 10.63 -6.76
C ASP A 18 -22.76 9.56 -5.86
N SER A 19 -22.98 8.29 -6.19
CA SER A 19 -22.56 7.19 -5.32
C SER A 19 -21.07 6.92 -5.37
N TRP A 20 -20.28 7.70 -6.11
CA TRP A 20 -18.83 7.67 -5.95
C TRP A 20 -18.30 8.80 -5.08
N PHE A 21 -18.85 10.01 -5.20
CA PHE A 21 -18.47 11.07 -4.26
C PHE A 21 -18.95 10.75 -2.86
N ARG A 22 -20.14 10.16 -2.75
CA ARG A 22 -20.66 9.78 -1.44
C ARG A 22 -20.01 8.52 -0.90
N GLY A 23 -19.06 7.93 -1.62
CA GLY A 23 -18.24 6.86 -1.10
C GLY A 23 -16.83 7.34 -0.88
N LEU A 24 -16.45 8.40 -1.59
CA LEU A 24 -15.17 9.04 -1.36
C LEU A 24 -15.14 9.74 -0.01
N ILE A 25 -16.21 10.45 0.32
CA ILE A 25 -16.24 11.18 1.59
C ILE A 25 -16.34 10.21 2.76
N LEU A 26 -16.95 9.05 2.55
CA LEU A 26 -17.06 8.01 3.56
C LEU A 26 -15.75 7.27 3.76
N LEU A 27 -14.78 7.48 2.88
CA LEU A 27 -13.42 6.97 3.04
C LEU A 27 -12.49 8.00 3.68
N LEU A 28 -12.59 9.26 3.25
CA LEU A 28 -11.72 10.28 3.84
C LEU A 28 -12.07 10.54 5.31
N THR A 29 -13.37 10.56 5.65
CA THR A 29 -13.71 10.72 7.05
C THR A 29 -13.38 9.48 7.86
N PHE A 30 -13.22 8.32 7.21
CA PHE A 30 -12.74 7.14 7.91
C PHE A 30 -11.25 7.23 8.18
N LEU A 31 -10.47 7.82 7.27
CA LEU A 31 -9.05 7.92 7.50
C LEU A 31 -8.66 9.00 8.50
N ILE A 32 -9.37 10.13 8.52
CA ILE A 32 -8.94 11.26 9.34
C ILE A 32 -9.11 10.96 10.84
N TYR A 33 -10.29 10.52 11.25
CA TYR A 33 -10.44 10.31 12.68
C TYR A 33 -9.91 8.95 13.12
N ALA A 34 -9.40 8.15 12.19
CA ALA A 34 -8.52 7.05 12.59
C ALA A 34 -7.08 7.49 12.73
N CYS A 35 -6.67 8.54 12.02
CA CYS A 35 -5.33 9.08 12.25
C CYS A 35 -5.28 9.96 13.49
N TYR A 36 -6.44 10.36 14.02
CA TYR A 36 -6.43 11.06 15.31
C TYR A 36 -6.13 10.12 16.48
N HIS A 37 -6.65 8.89 16.44
CA HIS A 37 -6.48 8.01 17.59
C HIS A 37 -5.04 7.51 17.75
N MET A 38 -4.30 7.29 16.65
CA MET A 38 -2.92 6.88 16.84
C MET A 38 -2.04 8.04 17.30
N SER A 39 -2.50 9.27 17.17
CA SER A 39 -1.87 10.37 17.88
C SER A 39 -2.24 10.41 19.35
N ARG A 40 -3.48 10.08 19.69
CA ARG A 40 -3.91 10.12 21.08
C ARG A 40 -3.32 8.96 21.91
N LYS A 41 -2.92 7.88 21.24
CA LYS A 41 -2.59 6.64 21.94
C LYS A 41 -1.31 6.62 22.77
N PRO A 42 -0.07 6.93 22.22
CA PRO A 42 1.17 6.31 22.76
C PRO A 42 1.56 6.56 24.21
N ILE A 43 0.94 7.53 24.89
CA ILE A 43 1.31 7.73 26.29
C ILE A 43 0.67 6.65 27.17
N SER A 44 -0.34 5.94 26.66
CA SER A 44 -0.82 4.75 27.34
C SER A 44 0.02 3.51 27.01
N ILE A 45 1.09 3.66 26.25
CA ILE A 45 2.03 2.57 25.99
C ILE A 45 3.37 2.82 26.65
N VAL A 46 3.84 4.06 26.63
CA VAL A 46 5.14 4.37 27.22
C VAL A 46 5.01 4.70 28.71
N LYS A 47 3.85 4.43 29.30
CA LYS A 47 3.64 4.80 30.70
C LYS A 47 4.35 3.85 31.66
N SER A 48 4.76 2.68 31.19
CA SER A 48 5.53 1.78 32.02
C SER A 48 7.02 1.89 31.78
N ARG A 49 7.45 2.82 30.92
CA ARG A 49 8.86 3.02 30.61
C ARG A 49 9.44 4.27 31.25
N LEU A 50 8.62 5.29 31.53
CA LEU A 50 9.08 6.44 32.30
C LEU A 50 9.38 6.12 33.75
N HIS A 51 8.93 4.98 34.25
CA HIS A 51 9.41 4.46 35.52
C HIS A 51 9.40 2.94 35.49
N GLN A 52 10.46 2.34 36.01
CA GLN A 52 10.54 0.90 36.21
C GLN A 52 11.61 0.65 37.27
N ASN A 53 11.58 -0.53 37.86
CA ASN A 53 12.58 -0.88 38.86
C ASN A 53 13.90 -1.24 38.20
N CYS A 54 15.00 -0.86 38.85
CA CYS A 54 16.34 -1.00 38.28
C CYS A 54 17.08 -2.22 38.83
N SER A 55 16.38 -3.33 39.04
CA SER A 55 16.98 -4.51 39.66
C SER A 55 17.17 -5.66 38.69
N GLU A 56 17.06 -5.43 37.38
CA GLU A 56 17.19 -6.52 36.44
C GLU A 56 17.95 -6.14 35.17
N GLN A 57 18.76 -5.09 35.20
CA GLN A 57 19.45 -4.61 34.01
C GLN A 57 20.97 -4.73 34.20
N ILE A 58 21.69 -4.24 33.20
CA ILE A 58 23.15 -4.23 33.23
C ILE A 58 23.62 -3.17 34.23
N LYS A 59 24.83 -3.36 34.77
CA LYS A 59 25.44 -2.46 35.75
C LYS A 59 26.76 -1.98 35.18
N PRO A 60 26.73 -1.01 34.23
CA PRO A 60 27.95 -0.66 33.48
C PRO A 60 29.06 -0.02 34.31
N ILE A 61 28.79 1.16 34.88
CA ILE A 61 29.81 1.88 35.64
C ILE A 61 29.21 2.48 36.91
N ASN A 62 27.87 2.56 36.98
CA ASN A 62 27.21 3.42 37.95
C ASN A 62 27.11 2.73 39.30
N ASP A 63 28.27 2.57 39.95
CA ASP A 63 28.35 1.95 41.25
C ASP A 63 28.31 2.97 42.39
N THR A 64 27.67 4.12 42.16
CA THR A 64 27.68 5.21 43.14
C THR A 64 26.55 5.07 44.16
N HIS A 65 25.35 4.72 43.68
CA HIS A 65 24.13 4.74 44.51
C HIS A 65 23.92 3.42 45.26
N SER A 66 24.97 2.96 45.96
CA SER A 66 24.97 1.74 46.78
C SER A 66 24.55 0.49 46.00
N LEU A 67 24.85 0.50 44.70
CA LEU A 67 24.61 -0.54 43.68
C LEU A 67 23.14 -0.70 43.31
N ASN A 68 22.21 -0.08 44.05
CA ASN A 68 20.79 -0.15 43.74
C ASN A 68 20.06 0.99 44.42
N ASP A 69 19.43 1.86 43.62
CA ASP A 69 18.60 2.93 44.16
C ASP A 69 17.29 3.06 43.39
N THR A 70 17.13 2.34 42.28
CA THR A 70 16.03 2.48 41.31
C THR A 70 15.86 3.94 40.88
N MET A 71 16.98 4.56 40.50
CA MET A 71 16.98 5.96 40.11
C MET A 71 17.62 6.21 38.75
N TRP A 72 18.14 5.19 38.09
CA TRP A 72 18.87 5.39 36.84
C TRP A 72 18.19 4.81 35.61
N CYS A 73 17.41 3.74 35.75
CA CYS A 73 16.63 3.24 34.63
C CYS A 73 15.28 3.92 34.52
N SER A 74 14.99 4.88 35.40
CA SER A 74 13.81 5.72 35.32
C SER A 74 14.23 7.08 34.78
N TRP A 75 13.60 7.51 33.68
CA TRP A 75 14.11 8.63 32.90
C TRP A 75 13.91 9.98 33.56
N ALA A 76 12.67 10.37 33.68
CA ALA A 76 12.23 11.74 33.84
C ALA A 76 12.26 12.14 35.32
N PRO A 77 11.74 13.34 35.72
CA PRO A 77 11.37 13.52 37.13
C PRO A 77 10.24 12.64 37.67
N PHE A 78 9.74 11.68 36.89
CA PHE A 78 8.92 10.60 37.40
C PHE A 78 9.81 9.45 37.90
N ASP A 79 10.73 9.79 38.79
CA ASP A 79 11.76 8.85 39.21
C ASP A 79 11.65 8.43 40.67
N LYS A 80 11.27 9.33 41.56
CA LYS A 80 11.23 9.07 42.99
C LYS A 80 9.91 8.40 43.37
N ASP A 81 9.58 8.42 44.67
CA ASP A 81 8.53 7.55 45.21
C ASP A 81 7.15 7.83 44.64
N ASN A 82 6.89 9.06 44.24
CA ASN A 82 5.58 9.41 43.68
C ASN A 82 5.61 9.38 42.15
N TYR A 83 5.85 8.19 41.62
CA TYR A 83 5.74 7.99 40.18
C TYR A 83 4.35 7.58 39.75
N LYS A 84 3.39 7.59 40.67
CA LYS A 84 2.00 7.33 40.31
C LYS A 84 1.08 8.52 40.58
N GLU A 85 1.55 9.53 41.30
CA GLU A 85 0.79 10.77 41.38
C GLU A 85 1.07 11.65 40.18
N LEU A 86 2.34 12.02 39.98
CA LEU A 86 2.72 12.95 38.93
C LEU A 86 2.60 12.35 37.54
N LEU A 87 2.77 11.04 37.40
CA LEU A 87 2.54 10.41 36.11
C LEU A 87 1.05 10.30 35.82
N GLY A 88 0.23 10.13 36.86
CA GLY A 88 -1.21 10.16 36.67
C GLY A 88 -1.75 11.56 36.49
N GLY A 89 -0.94 12.57 36.78
CA GLY A 89 -1.32 13.96 36.56
C GLY A 89 -1.00 14.47 35.18
N VAL A 90 -0.84 13.57 34.21
CA VAL A 90 -0.74 13.94 32.81
C VAL A 90 -2.03 13.64 32.06
N ASP A 91 -2.66 12.52 32.39
CA ASP A 91 -3.96 12.17 31.83
C ASP A 91 -5.12 12.86 32.54
N ASN A 92 -4.85 13.85 33.38
CA ASN A 92 -5.87 14.80 33.78
C ASN A 92 -5.70 16.13 33.08
N ALA A 93 -4.46 16.56 32.86
CA ALA A 93 -4.19 17.76 32.08
C ALA A 93 -4.34 17.54 30.59
N PHE A 94 -4.51 16.29 30.15
CA PHE A 94 -5.03 16.12 28.80
C PHE A 94 -6.56 16.12 28.77
N LEU A 95 -7.21 15.44 29.71
CA LEU A 95 -8.66 15.28 29.62
C LEU A 95 -9.44 16.52 30.02
N ILE A 96 -8.92 17.32 30.95
CA ILE A 96 -9.54 18.61 31.24
C ILE A 96 -9.35 19.56 30.07
N ALA A 97 -8.18 19.53 29.43
CA ALA A 97 -7.93 20.37 28.28
C ALA A 97 -8.68 19.91 27.04
N TYR A 98 -9.17 18.67 27.01
CA TYR A 98 -9.97 18.16 25.91
C TYR A 98 -11.46 18.27 26.15
N ALA A 99 -11.91 18.27 27.40
CA ALA A 99 -13.34 18.40 27.66
C ALA A 99 -13.77 19.85 27.82
N ILE A 100 -12.83 20.76 28.05
CA ILE A 100 -13.15 22.19 27.95
C ILE A 100 -13.06 22.64 26.50
N GLY A 101 -12.10 22.09 25.76
CA GLY A 101 -11.87 22.49 24.39
C GLY A 101 -12.95 22.10 23.41
N MET A 102 -13.88 21.22 23.79
CA MET A 102 -14.91 20.81 22.84
C MET A 102 -16.01 21.86 22.71
N PHE A 103 -16.39 22.49 23.82
CA PHE A 103 -17.47 23.47 23.82
C PHE A 103 -17.08 24.80 23.18
N ILE A 104 -15.82 24.98 22.78
CA ILE A 104 -15.41 26.20 22.10
C ILE A 104 -15.12 25.85 20.65
N SER A 105 -14.62 24.63 20.41
CA SER A 105 -14.43 24.16 19.04
C SER A 105 -15.74 23.98 18.31
N GLY A 106 -16.80 23.63 19.03
CA GLY A 106 -18.10 23.52 18.40
C GLY A 106 -18.69 24.86 17.99
N VAL A 107 -18.29 25.92 18.70
CA VAL A 107 -18.71 27.25 18.29
C VAL A 107 -17.86 27.75 17.12
N PHE A 108 -16.57 27.45 17.13
CA PHE A 108 -15.69 27.91 16.05
C PHE A 108 -15.95 27.16 14.76
N GLY A 109 -16.41 25.91 14.84
CA GLY A 109 -16.54 25.08 13.67
C GLY A 109 -17.62 25.49 12.69
N GLU A 110 -18.54 26.36 13.13
CA GLU A 110 -19.58 26.84 12.26
C GLU A 110 -19.06 27.86 11.27
N ARG A 111 -18.40 28.89 11.78
CA ARG A 111 -18.18 30.09 10.98
C ARG A 111 -17.02 29.92 10.01
N LEU A 112 -15.97 29.29 10.44
CA LEU A 112 -14.77 29.13 9.61
C LEU A 112 -14.98 27.95 8.66
N PRO A 113 -14.39 27.97 7.47
CA PRO A 113 -14.62 26.87 6.51
C PRO A 113 -13.99 25.58 6.98
N LEU A 114 -14.64 24.46 6.67
CA LEU A 114 -14.23 23.15 7.16
C LEU A 114 -13.11 22.51 6.36
N ARG A 115 -12.35 23.26 5.60
CA ARG A 115 -11.17 22.73 4.95
C ARG A 115 -9.93 23.50 5.38
N TYR A 116 -10.09 24.74 5.83
CA TYR A 116 -9.04 25.52 6.44
C TYR A 116 -9.05 25.38 7.95
N TYR A 117 -9.94 24.56 8.50
CA TYR A 117 -10.08 24.32 9.93
C TYR A 117 -9.75 22.90 10.33
N LEU A 118 -10.02 21.92 9.48
CA LEU A 118 -9.55 20.57 9.72
C LEU A 118 -8.09 20.40 9.31
N SER A 119 -7.58 21.29 8.47
CA SER A 119 -6.16 21.26 8.12
C SER A 119 -5.30 21.85 9.23
N ALA A 120 -5.66 23.04 9.71
CA ALA A 120 -4.96 23.65 10.83
C ALA A 120 -5.41 23.10 12.18
N GLY A 121 -6.14 22.00 12.21
CA GLY A 121 -6.44 21.27 13.42
C GLY A 121 -5.84 19.88 13.35
N MET A 122 -5.02 19.65 12.33
CA MET A 122 -4.24 18.43 12.22
C MET A 122 -2.75 18.67 12.10
N LEU A 123 -2.33 19.82 11.59
CA LEU A 123 -0.91 20.15 11.64
C LEU A 123 -0.48 20.48 13.07
N LEU A 124 -1.30 21.25 13.79
CA LEU A 124 -0.98 21.51 15.19
C LEU A 124 -1.07 20.25 16.05
N SER A 125 -1.93 19.29 15.69
CA SER A 125 -1.93 18.03 16.42
C SER A 125 -0.76 17.14 16.04
N GLY A 126 -0.09 17.41 14.92
CA GLY A 126 1.17 16.74 14.64
C GLY A 126 2.37 17.46 15.20
N LEU A 127 2.21 18.73 15.54
CA LEU A 127 3.30 19.50 16.15
C LEU A 127 3.34 19.30 17.65
N PHE A 128 2.18 19.32 18.30
CA PHE A 128 2.18 19.20 19.75
C PHE A 128 2.23 17.78 20.25
N THR A 129 2.41 16.78 19.38
CA THR A 129 2.91 15.50 19.85
C THR A 129 4.40 15.38 19.60
N SER A 130 4.89 15.98 18.52
CA SER A 130 6.30 15.90 18.21
C SER A 130 7.14 16.71 19.18
N LEU A 131 6.60 17.82 19.69
CA LEU A 131 7.31 18.55 20.73
C LEU A 131 7.39 17.75 22.02
N PHE A 132 6.40 16.91 22.29
CA PHE A 132 6.49 16.02 23.44
C PHE A 132 7.51 14.92 23.19
N GLY A 133 7.59 14.44 21.95
CA GLY A 133 8.55 13.41 21.63
C GLY A 133 9.99 13.90 21.65
N LEU A 134 10.21 15.17 21.32
CA LEU A 134 11.53 15.77 21.36
C LEU A 134 12.02 16.06 22.77
N GLY A 135 11.26 15.73 23.82
CA GLY A 135 11.78 15.90 25.17
C GLY A 135 12.85 14.89 25.51
N TYR A 136 12.85 13.74 24.84
CA TYR A 136 13.91 12.76 25.06
C TYR A 136 15.19 13.16 24.34
N PHE A 137 15.07 13.56 23.08
CA PHE A 137 16.24 13.91 22.27
C PHE A 137 16.90 15.20 22.73
N TRP A 138 16.25 16.01 23.54
CA TRP A 138 16.87 17.18 24.12
C TRP A 138 17.28 16.88 25.55
N ASN A 139 17.73 17.91 26.26
CA ASN A 139 18.07 17.81 27.67
C ASN A 139 16.91 18.34 28.50
N ILE A 140 15.83 17.57 28.53
CA ILE A 140 14.58 17.99 29.17
C ILE A 140 14.30 17.12 30.38
N HIS A 141 14.26 17.75 31.56
CA HIS A 141 13.85 17.11 32.80
C HIS A 141 13.16 18.18 33.65
N GLU A 142 11.84 18.26 33.54
CA GLU A 142 11.02 19.11 34.38
C GLU A 142 9.71 18.40 34.68
N LEU A 143 8.77 19.16 35.22
CA LEU A 143 7.39 18.73 35.38
C LEU A 143 6.41 19.60 34.61
N TRP A 144 6.60 20.93 34.63
CA TRP A 144 5.64 21.82 34.01
C TRP A 144 5.68 21.76 32.50
N TYR A 145 6.83 21.39 31.92
CA TYR A 145 6.92 21.29 30.45
C TYR A 145 6.10 20.12 29.92
N PHE A 146 6.24 18.95 30.55
CA PHE A 146 5.52 17.77 30.08
C PHE A 146 4.02 17.87 30.23
N VAL A 147 3.52 18.75 31.10
CA VAL A 147 2.08 18.92 31.22
C VAL A 147 1.62 20.11 30.41
N VAL A 148 2.50 21.09 30.17
CA VAL A 148 2.07 22.23 29.37
C VAL A 148 2.12 21.89 27.89
N ILE A 149 2.79 20.80 27.52
CA ILE A 149 2.57 20.26 26.18
C ILE A 149 1.26 19.48 26.13
N GLN A 150 0.99 18.66 27.14
CA GLN A 150 -0.19 17.81 27.09
C GLN A 150 -1.47 18.54 27.46
N VAL A 151 -1.39 19.84 27.78
CA VAL A 151 -2.59 20.67 27.72
C VAL A 151 -2.81 21.17 26.30
N CYS A 152 -1.75 21.66 25.66
CA CYS A 152 -1.87 22.14 24.29
C CYS A 152 -1.94 21.01 23.28
N ASN A 153 -1.88 19.75 23.72
CA ASN A 153 -2.22 18.65 22.85
C ASN A 153 -3.70 18.29 23.03
N GLY A 154 -4.39 18.98 23.93
CA GLY A 154 -5.75 18.66 24.25
C GLY A 154 -6.75 19.69 23.75
N LEU A 155 -6.29 20.92 23.53
CA LEU A 155 -7.13 21.93 22.90
C LEU A 155 -7.08 21.85 21.38
N VAL A 156 -6.26 20.97 20.83
CA VAL A 156 -6.08 20.94 19.39
C VAL A 156 -6.83 19.76 18.77
N GLN A 157 -6.80 18.60 19.41
CA GLN A 157 -7.47 17.42 18.89
C GLN A 157 -8.98 17.42 19.12
N THR A 158 -9.55 18.54 19.53
CA THR A 158 -10.99 18.65 19.56
C THR A 158 -11.55 19.21 18.27
N THR A 159 -10.72 19.48 17.27
CA THR A 159 -11.23 19.91 15.99
C THR A 159 -11.59 18.74 15.09
N GLY A 160 -11.40 17.52 15.55
CA GLY A 160 -11.66 16.37 14.71
C GLY A 160 -13.12 16.02 14.57
N TRP A 161 -13.77 15.68 15.67
CA TRP A 161 -15.08 15.02 15.61
C TRP A 161 -16.24 15.88 15.09
N PRO A 162 -16.45 17.14 15.53
CA PRO A 162 -17.58 17.88 14.95
C PRO A 162 -17.41 18.19 13.47
N SER A 163 -16.19 18.43 13.02
CA SER A 163 -15.96 18.66 11.61
C SER A 163 -16.18 17.39 10.80
N VAL A 164 -15.91 16.22 11.38
CA VAL A 164 -16.10 14.97 10.67
C VAL A 164 -17.58 14.65 10.49
N VAL A 165 -18.37 14.78 11.57
CA VAL A 165 -19.79 14.51 11.33
C VAL A 165 -20.50 15.67 10.64
N THR A 166 -19.89 16.85 10.56
CA THR A 166 -20.46 17.87 9.69
C THR A 166 -20.20 17.52 8.23
N CYS A 167 -19.00 17.03 7.93
CA CYS A 167 -18.70 16.59 6.57
C CYS A 167 -19.48 15.36 6.15
N VAL A 168 -19.95 14.54 7.10
CA VAL A 168 -20.79 13.40 6.73
C VAL A 168 -22.27 13.74 6.72
N GLY A 169 -22.75 14.60 7.62
CA GLY A 169 -24.15 14.97 7.62
C GLY A 169 -24.57 15.83 6.44
N ASN A 170 -23.62 16.42 5.72
CA ASN A 170 -23.95 17.22 4.55
C ASN A 170 -24.20 16.39 3.30
N TRP A 171 -23.89 15.10 3.31
CA TRP A 171 -24.07 14.25 2.14
C TRP A 171 -25.22 13.27 2.29
N PHE A 172 -25.28 12.52 3.39
CA PHE A 172 -26.26 11.45 3.44
C PHE A 172 -27.61 11.98 3.92
N GLY A 173 -28.63 11.14 3.81
CA GLY A 173 -29.98 11.58 4.05
C GLY A 173 -30.69 10.93 5.22
N LYS A 174 -32.01 10.80 5.12
CA LYS A 174 -32.86 10.23 6.15
C LYS A 174 -32.76 8.70 6.20
N GLY A 175 -32.14 8.10 5.20
CA GLY A 175 -32.32 6.68 4.93
C GLY A 175 -31.47 5.78 5.79
N LYS A 176 -30.64 4.94 5.17
CA LYS A 176 -29.75 4.08 5.95
C LYS A 176 -28.66 4.96 6.56
N ARG A 177 -28.99 5.59 7.68
CA ARG A 177 -27.94 6.31 8.39
C ARG A 177 -27.39 5.47 9.53
N GLY A 178 -28.26 4.82 10.30
CA GLY A 178 -27.78 4.06 11.46
C GLY A 178 -26.93 2.87 11.09
N PHE A 179 -27.36 2.09 10.10
CA PHE A 179 -26.61 0.95 9.62
C PHE A 179 -25.32 1.34 8.92
N ILE A 180 -25.23 2.55 8.37
CA ILE A 180 -24.00 2.98 7.74
C ILE A 180 -23.06 3.69 8.71
N MET A 181 -23.59 4.48 9.65
CA MET A 181 -22.72 5.05 10.69
C MET A 181 -22.18 3.98 11.63
N GLY A 182 -22.95 2.92 11.87
CA GLY A 182 -22.46 1.84 12.72
C GLY A 182 -21.32 1.07 12.09
N ILE A 183 -21.37 0.85 10.78
CA ILE A 183 -20.25 0.25 10.10
C ILE A 183 -19.09 1.23 10.02
N TRP A 184 -19.41 2.51 9.81
CA TRP A 184 -18.39 3.54 9.66
C TRP A 184 -17.63 3.81 10.94
N ASN A 185 -18.19 3.49 12.12
CA ASN A 185 -17.49 3.70 13.40
C ASN A 185 -16.38 2.70 13.67
N SER A 186 -15.89 1.96 12.68
CA SER A 186 -14.77 1.08 12.93
C SER A 186 -13.45 1.83 13.07
N HIS A 187 -13.42 3.14 12.79
CA HIS A 187 -12.15 3.87 12.86
C HIS A 187 -11.68 4.05 14.28
N THR A 188 -12.59 4.06 15.25
CA THR A 188 -12.17 4.17 16.65
C THR A 188 -11.49 2.92 17.16
N SER A 189 -11.63 1.79 16.48
CA SER A 189 -10.87 0.61 16.87
C SER A 189 -9.65 0.39 15.98
N VAL A 190 -9.77 0.74 14.70
CA VAL A 190 -8.62 0.65 13.79
C VAL A 190 -7.52 1.60 14.24
N GLY A 191 -7.89 2.79 14.73
CA GLY A 191 -6.91 3.71 15.24
C GLY A 191 -6.25 3.25 16.51
N ASN A 192 -7.00 2.56 17.38
CA ASN A 192 -6.41 2.02 18.60
C ASN A 192 -5.40 0.92 18.29
N ILE A 193 -5.74 0.03 17.36
CA ILE A 193 -4.85 -1.07 17.01
C ILE A 193 -3.58 -0.55 16.33
N LEU A 194 -3.74 0.33 15.34
CA LEU A 194 -2.55 0.88 14.71
C LEU A 194 -1.83 1.94 15.54
N GLY A 195 -2.41 2.38 16.66
CA GLY A 195 -1.69 3.25 17.56
C GLY A 195 -0.91 2.51 18.61
N SER A 196 -1.37 1.31 18.97
CA SER A 196 -0.56 0.43 19.79
C SER A 196 0.57 -0.24 19.03
N LEU A 197 0.32 -0.69 17.80
CA LEU A 197 1.36 -1.40 17.05
C LEU A 197 2.52 -0.51 16.62
N ILE A 198 2.27 0.77 16.34
CA ILE A 198 3.37 1.65 15.96
C ILE A 198 4.21 2.01 17.18
N ALA A 199 3.55 2.46 18.25
CA ALA A 199 4.28 2.87 19.44
C ALA A 199 4.87 1.71 20.21
N GLY A 200 4.50 0.46 19.92
CA GLY A 200 5.16 -0.66 20.56
C GLY A 200 6.49 -1.04 19.94
N ILE A 201 6.87 -0.42 18.83
CA ILE A 201 8.13 -0.77 18.19
C ILE A 201 9.30 -0.12 18.93
N TRP A 202 9.28 1.18 19.09
CA TRP A 202 10.39 1.89 19.71
C TRP A 202 10.21 2.13 21.20
N VAL A 203 9.44 1.28 21.88
CA VAL A 203 9.27 1.47 23.32
C VAL A 203 10.40 0.80 24.10
N ASN A 204 10.96 -0.29 23.58
CA ASN A 204 12.08 -0.98 24.23
C ASN A 204 13.40 -0.49 23.62
N GLY A 205 13.68 0.77 23.90
CA GLY A 205 14.89 1.41 23.39
C GLY A 205 14.83 2.90 23.62
N GLN A 206 15.07 3.68 22.57
CA GLN A 206 14.87 5.12 22.63
C GLN A 206 13.39 5.43 22.38
N TRP A 207 12.75 6.06 23.35
CA TRP A 207 11.30 6.22 23.33
C TRP A 207 10.86 7.51 22.66
N GLY A 208 11.76 8.22 22.01
CA GLY A 208 11.34 9.43 21.32
C GLY A 208 10.57 9.19 20.05
N LEU A 209 10.74 8.02 19.42
CA LEU A 209 10.16 7.82 18.10
C LEU A 209 8.67 7.52 18.15
N SER A 210 8.18 6.97 19.27
CA SER A 210 6.75 6.64 19.39
C SER A 210 5.86 7.86 19.43
N PHE A 211 6.40 9.05 19.65
CA PHE A 211 5.62 10.27 19.52
C PHE A 211 5.94 11.06 18.27
N ILE A 212 7.06 10.78 17.61
CA ILE A 212 7.40 11.52 16.41
C ILE A 212 6.79 10.89 15.17
N VAL A 213 6.76 9.56 15.09
CA VAL A 213 6.24 8.88 13.90
C VAL A 213 4.72 9.05 13.75
N PRO A 214 3.87 8.90 14.79
CA PRO A 214 2.47 9.32 14.60
C PRO A 214 2.31 10.82 14.40
N GLY A 215 3.20 11.62 14.97
CA GLY A 215 3.17 13.06 14.77
C GLY A 215 3.54 13.51 13.37
N ILE A 216 4.15 12.64 12.57
CA ILE A 216 4.39 12.90 11.16
C ILE A 216 3.29 12.31 10.28
N ILE A 217 2.77 11.13 10.66
CA ILE A 217 1.65 10.55 9.92
C ILE A 217 0.41 11.44 9.99
N THR A 218 0.14 12.02 11.15
CA THR A 218 -1.00 12.94 11.30
C THR A 218 -0.82 14.19 10.45
N ALA A 219 0.40 14.73 10.41
CA ALA A 219 0.63 15.94 9.60
C ALA A 219 0.60 15.66 8.11
N VAL A 220 0.93 14.43 7.68
CA VAL A 220 0.80 14.09 6.27
C VAL A 220 -0.67 13.94 5.89
N MET A 221 -1.47 13.32 6.76
CA MET A 221 -2.90 13.25 6.51
C MET A 221 -3.55 14.62 6.57
N GLY A 222 -2.95 15.56 7.31
CA GLY A 222 -3.43 16.93 7.36
C GLY A 222 -3.31 17.70 6.06
N VAL A 223 -2.38 17.32 5.18
CA VAL A 223 -2.33 17.96 3.86
C VAL A 223 -3.03 17.13 2.80
N ILE A 224 -3.19 15.82 3.01
CA ILE A 224 -4.04 15.07 2.09
C ILE A 224 -5.50 15.51 2.23
N THR A 225 -5.94 15.77 3.46
CA THR A 225 -7.31 16.28 3.62
C THR A 225 -7.39 17.76 3.29
N PHE A 226 -6.25 18.44 3.13
CA PHE A 226 -6.28 19.76 2.54
C PHE A 226 -6.51 19.68 1.05
N LEU A 227 -5.83 18.77 0.38
CA LEU A 227 -5.87 18.71 -1.07
C LEU A 227 -7.07 17.97 -1.63
N PHE A 228 -7.82 17.22 -0.82
CA PHE A 228 -8.90 16.46 -1.44
C PHE A 228 -10.23 16.48 -0.70
N LEU A 229 -10.64 17.58 -0.09
CA LEU A 229 -11.85 17.59 0.71
C LEU A 229 -12.92 18.44 0.05
N ILE A 230 -14.09 17.85 -0.14
CA ILE A 230 -15.25 18.51 -0.74
C ILE A 230 -16.36 18.46 0.30
N GLU A 231 -16.64 19.59 0.94
CA GLU A 231 -17.60 19.57 2.04
C GLU A 231 -19.05 19.53 1.57
N HIS A 232 -19.42 20.31 0.56
CA HIS A 232 -20.81 20.39 0.14
C HIS A 232 -21.05 19.57 -1.12
N PRO A 233 -22.24 19.01 -1.30
CA PRO A 233 -22.56 18.37 -2.58
C PRO A 233 -22.92 19.37 -3.66
N GLU A 234 -23.24 20.61 -3.30
CA GLU A 234 -23.60 21.62 -4.30
C GLU A 234 -22.42 22.04 -5.16
N ASP A 235 -21.20 21.84 -4.69
CA ASP A 235 -20.04 22.35 -5.41
C ASP A 235 -19.69 21.50 -6.63
N VAL A 236 -20.00 20.21 -6.61
CA VAL A 236 -19.63 19.34 -7.71
C VAL A 236 -20.89 18.81 -8.39
N ASP A 237 -21.98 19.59 -8.30
CA ASP A 237 -23.24 19.37 -9.01
C ASP A 237 -23.90 18.05 -8.66
N CYS A 238 -23.72 17.58 -7.42
CA CYS A 238 -24.41 16.37 -6.97
C CYS A 238 -25.81 16.73 -6.50
N ALA A 239 -26.47 15.80 -5.85
CA ALA A 239 -27.80 16.07 -5.34
C ALA A 239 -27.72 16.45 -3.87
N PRO A 240 -28.43 17.50 -3.46
CA PRO A 240 -28.54 17.78 -2.04
C PRO A 240 -29.31 16.69 -1.34
N PRO A 241 -29.00 16.41 -0.08
CA PRO A 241 -29.60 15.26 0.60
C PRO A 241 -31.05 15.45 0.98
N GLN A 242 -31.59 14.48 1.71
CA GLN A 242 -33.03 14.31 1.89
C GLN A 242 -33.37 14.31 3.38
N HIS A 243 -32.89 15.32 4.11
CA HIS A 243 -33.22 15.49 5.51
C HIS A 243 -34.69 15.87 5.63
N HIS A 244 -35.53 14.91 6.01
CA HIS A 244 -36.95 15.19 6.14
C HIS A 244 -37.34 15.24 7.61
N CYS A 280 -32.43 28.54 -0.57
CA CYS A 280 -31.91 29.03 -1.84
C CYS A 280 -30.45 29.45 -1.71
N GLU A 281 -30.06 29.88 -0.51
CA GLU A 281 -28.70 30.35 -0.26
C GLU A 281 -28.27 29.86 1.12
N GLU A 282 -27.17 30.41 1.62
CA GLU A 282 -26.54 29.91 2.83
C GLU A 282 -27.26 30.44 4.07
N PRO A 283 -27.63 29.57 5.01
CA PRO A 283 -28.16 30.05 6.28
C PRO A 283 -27.06 30.66 7.11
N ALA A 284 -27.46 31.58 8.01
CA ALA A 284 -26.49 32.39 8.73
C ALA A 284 -25.59 31.61 9.68
N ALA A 285 -26.16 31.14 10.79
CA ALA A 285 -25.43 30.50 11.88
C ALA A 285 -26.45 30.00 12.89
N ILE A 286 -25.95 29.53 14.04
CA ILE A 286 -26.75 29.42 15.24
C ILE A 286 -25.81 29.70 16.42
N SER A 287 -26.37 30.24 17.49
CA SER A 287 -25.62 30.52 18.70
C SER A 287 -25.80 29.39 19.70
N PHE A 288 -24.97 29.39 20.75
CA PHE A 288 -24.94 28.27 21.67
C PHE A 288 -26.15 28.26 22.58
N PHE A 289 -26.77 29.41 22.81
CA PHE A 289 -27.97 29.44 23.63
C PHE A 289 -29.16 28.83 22.91
N GLY A 290 -29.17 28.92 21.57
CA GLY A 290 -30.32 28.46 20.82
C GLY A 290 -30.32 26.98 20.54
N ALA A 291 -29.16 26.33 20.65
CA ALA A 291 -29.09 24.92 20.28
C ALA A 291 -29.61 24.02 21.39
N LEU A 292 -29.82 24.58 22.59
CA LEU A 292 -30.33 23.76 23.68
C LEU A 292 -31.85 23.68 23.65
N ARG A 293 -32.49 24.50 22.83
CA ARG A 293 -33.95 24.43 22.74
C ARG A 293 -34.44 23.30 21.85
N ILE A 294 -33.54 22.64 21.12
CA ILE A 294 -33.87 21.37 20.45
C ILE A 294 -34.23 20.35 21.51
N PRO A 295 -35.35 19.62 21.39
CA PRO A 295 -35.91 18.91 22.55
C PRO A 295 -35.14 17.68 22.99
N GLY A 296 -34.25 17.15 22.18
CA GLY A 296 -33.56 15.94 22.58
C GLY A 296 -32.12 16.16 23.02
N VAL A 297 -31.63 17.39 22.89
CA VAL A 297 -30.20 17.64 23.01
C VAL A 297 -29.72 17.64 24.45
N VAL A 298 -30.61 17.63 25.43
CA VAL A 298 -30.20 17.63 26.83
C VAL A 298 -30.22 16.22 27.42
N GLU A 299 -31.24 15.41 27.10
CA GLU A 299 -31.26 14.04 27.60
C GLU A 299 -30.19 13.18 26.96
N PHE A 300 -30.04 13.25 25.63
CA PHE A 300 -28.97 12.49 24.98
C PHE A 300 -27.59 13.06 25.24
N SER A 301 -27.49 14.29 25.76
CA SER A 301 -26.23 14.74 26.31
C SER A 301 -25.94 14.02 27.61
N LEU A 302 -26.90 14.05 28.53
CA LEU A 302 -26.64 13.68 29.90
C LEU A 302 -26.62 12.18 30.11
N CYS A 303 -27.22 11.42 29.20
CA CYS A 303 -27.09 9.96 29.29
C CYS A 303 -25.69 9.50 28.89
N LEU A 304 -25.04 10.22 27.98
CA LEU A 304 -23.77 9.74 27.44
C LEU A 304 -22.63 9.91 28.44
N LEU A 305 -22.76 10.90 29.35
CA LEU A 305 -21.82 11.04 30.47
C LEU A 305 -21.80 9.80 31.34
N PHE A 306 -22.95 9.15 31.52
CA PHE A 306 -22.96 7.96 32.33
C PHE A 306 -22.61 6.72 31.51
N ALA A 307 -22.91 6.73 30.22
CA ALA A 307 -22.56 5.57 29.39
C ALA A 307 -21.05 5.42 29.22
N LYS A 308 -20.35 6.53 29.00
CA LYS A 308 -18.90 6.47 28.91
C LYS A 308 -18.27 6.15 30.27
N LEU A 309 -18.91 6.58 31.35
CA LEU A 309 -18.42 6.26 32.68
C LEU A 309 -18.54 4.78 32.99
N VAL A 310 -19.63 4.13 32.55
CA VAL A 310 -19.75 2.69 32.65
C VAL A 310 -18.67 1.99 31.83
N SER A 311 -18.49 2.40 30.58
CA SER A 311 -17.50 1.76 29.73
C SER A 311 -16.07 2.06 30.13
N TYR A 312 -15.82 3.03 31.01
CA TYR A 312 -14.49 3.21 31.56
C TYR A 312 -14.28 2.45 32.87
N THR A 313 -15.24 2.51 33.79
CA THR A 313 -15.04 1.87 35.08
C THR A 313 -15.13 0.35 34.97
N PHE A 314 -15.78 -0.18 33.93
CA PHE A 314 -15.68 -1.61 33.69
C PHE A 314 -14.26 -2.00 33.26
N LEU A 315 -13.62 -1.21 32.42
CA LEU A 315 -12.26 -1.50 32.00
C LEU A 315 -11.23 -1.19 33.06
N TYR A 316 -11.59 -0.40 34.07
CA TYR A 316 -10.75 -0.28 35.25
C TYR A 316 -10.98 -1.42 36.23
N TRP A 317 -12.16 -2.04 36.19
CA TRP A 317 -12.47 -3.12 37.11
C TRP A 317 -11.87 -4.45 36.68
N LEU A 318 -11.72 -4.69 35.39
CA LEU A 318 -11.29 -5.99 34.88
C LEU A 318 -9.83 -6.38 35.16
N PRO A 319 -8.83 -5.48 35.14
CA PRO A 319 -7.50 -5.91 35.61
C PRO A 319 -7.45 -6.21 37.08
N LEU A 320 -8.18 -5.46 37.92
CA LEU A 320 -8.19 -5.72 39.37
C LEU A 320 -9.16 -6.81 39.75
N TYR A 321 -9.53 -7.66 38.83
CA TYR A 321 -10.35 -8.82 39.11
C TYR A 321 -9.63 -10.12 38.82
N ILE A 322 -9.15 -10.31 37.58
CA ILE A 322 -8.60 -11.61 37.20
C ILE A 322 -7.23 -11.84 37.81
N ALA A 323 -6.56 -10.78 38.26
CA ALA A 323 -5.29 -10.95 38.94
C ALA A 323 -5.47 -11.20 40.43
N ASN A 324 -6.70 -11.19 40.93
CA ASN A 324 -6.94 -11.38 42.35
C ASN A 324 -7.75 -12.65 42.58
N VAL A 325 -8.90 -12.76 41.90
CA VAL A 325 -9.72 -13.96 41.93
C VAL A 325 -9.67 -14.51 40.50
N ALA A 326 -9.86 -15.82 40.33
CA ALA A 326 -9.77 -16.52 39.03
C ALA A 326 -8.40 -16.30 38.39
N HIS A 327 -7.38 -16.90 39.01
CA HIS A 327 -6.00 -16.51 38.79
C HIS A 327 -5.44 -16.96 37.44
N PHE A 328 -6.23 -17.63 36.62
CA PHE A 328 -5.77 -18.05 35.30
C PHE A 328 -5.56 -16.84 34.40
N SER A 329 -4.56 -16.95 33.51
CA SER A 329 -4.29 -15.99 32.44
C SER A 329 -4.01 -14.59 32.99
N ALA A 330 -2.95 -14.50 33.78
CA ALA A 330 -2.53 -13.20 34.30
C ALA A 330 -1.92 -12.34 33.20
N LYS A 331 -1.32 -12.96 32.19
CA LYS A 331 -0.71 -12.22 31.09
C LYS A 331 -1.72 -11.73 30.07
N GLU A 332 -2.95 -12.24 30.10
CA GLU A 332 -3.96 -11.91 29.11
C GLU A 332 -4.76 -10.65 29.45
N ALA A 333 -4.44 -9.99 30.57
CA ALA A 333 -5.19 -8.82 30.99
C ALA A 333 -4.95 -7.64 30.05
N GLY A 334 -3.77 -7.60 29.43
CA GLY A 334 -3.52 -6.63 28.38
C GLY A 334 -4.13 -6.97 27.04
N ASP A 335 -4.72 -8.16 26.92
CA ASP A 335 -5.36 -8.57 25.68
C ASP A 335 -6.89 -8.49 25.75
N LEU A 336 -7.47 -8.94 26.87
CA LEU A 336 -8.92 -8.92 27.04
C LEU A 336 -9.49 -7.52 27.11
N SER A 337 -8.65 -6.50 27.32
CA SER A 337 -9.10 -5.13 27.24
C SER A 337 -9.43 -4.72 25.82
N THR A 338 -8.80 -5.34 24.81
CA THR A 338 -9.14 -4.90 23.46
C THR A 338 -10.10 -5.86 22.76
N LEU A 339 -10.19 -7.12 23.22
CA LEU A 339 -11.21 -8.01 22.72
C LEU A 339 -12.60 -7.61 23.20
N PHE A 340 -12.67 -6.82 24.27
CA PHE A 340 -13.88 -6.11 24.61
C PHE A 340 -14.27 -5.14 23.50
N ASP A 341 -13.29 -4.38 22.99
CA ASP A 341 -13.57 -3.23 22.13
C ASP A 341 -14.08 -3.67 20.77
N VAL A 342 -13.64 -4.84 20.30
CA VAL A 342 -14.18 -5.43 19.08
C VAL A 342 -15.67 -5.69 19.23
N GLY A 343 -16.10 -6.11 20.42
CA GLY A 343 -17.51 -6.23 20.74
C GLY A 343 -18.29 -4.94 20.66
N GLY A 344 -17.62 -3.80 20.69
CA GLY A 344 -18.29 -2.55 20.42
C GLY A 344 -18.78 -2.40 19.00
N ILE A 345 -17.99 -2.89 18.03
CA ILE A 345 -18.28 -2.65 16.62
C ILE A 345 -19.56 -3.37 16.20
N ILE A 346 -19.66 -4.66 16.52
CA ILE A 346 -20.88 -5.42 16.34
C ILE A 346 -21.97 -4.91 17.29
N GLY A 347 -21.59 -4.24 18.37
CA GLY A 347 -22.57 -3.56 19.19
C GLY A 347 -23.23 -2.38 18.51
N GLY A 348 -22.61 -1.82 17.46
CA GLY A 348 -23.21 -0.69 16.78
C GLY A 348 -24.11 -1.08 15.63
N ILE A 349 -23.60 -1.96 14.77
CA ILE A 349 -24.27 -2.33 13.52
C ILE A 349 -25.59 -3.03 13.81
N VAL A 350 -25.59 -3.95 14.78
CA VAL A 350 -26.83 -4.60 15.22
C VAL A 350 -27.75 -3.58 15.86
N ALA A 351 -27.19 -2.57 16.52
CA ALA A 351 -28.01 -1.47 17.04
C ALA A 351 -28.31 -0.41 15.99
N GLY A 352 -27.97 -0.65 14.72
CA GLY A 352 -28.43 0.24 13.67
C GLY A 352 -29.60 -0.36 12.92
N LEU A 353 -29.50 -1.66 12.61
CA LEU A 353 -30.55 -2.40 11.92
C LEU A 353 -31.85 -2.46 12.71
N VAL A 354 -31.80 -2.30 14.03
CA VAL A 354 -33.02 -2.20 14.81
C VAL A 354 -33.49 -0.75 14.87
N SER A 355 -32.56 0.22 14.82
CA SER A 355 -32.96 1.62 14.92
C SER A 355 -33.64 2.11 13.66
N ASP A 356 -33.30 1.57 12.50
CA ASP A 356 -33.93 1.99 11.26
C ASP A 356 -35.37 1.50 11.19
N TYR A 357 -35.56 0.19 11.23
CA TYR A 357 -36.86 -0.42 10.95
C TYR A 357 -37.81 -0.36 12.13
N THR A 358 -37.48 0.38 13.19
CA THR A 358 -38.42 0.72 14.22
C THR A 358 -38.68 2.21 14.33
N ASN A 359 -37.81 3.04 13.73
CA ASN A 359 -37.87 4.51 13.74
C ASN A 359 -37.87 5.07 15.16
N GLY A 360 -37.18 4.39 16.07
CA GLY A 360 -37.01 4.88 17.42
C GLY A 360 -35.58 4.71 17.87
N ARG A 361 -34.90 5.80 18.17
CA ARG A 361 -33.51 5.72 18.58
C ARG A 361 -33.35 5.77 20.09
N ALA A 362 -34.30 6.36 20.79
CA ALA A 362 -34.27 6.32 22.25
C ALA A 362 -34.83 5.01 22.79
N THR A 363 -35.64 4.31 22.03
CA THR A 363 -36.25 3.07 22.49
C THR A 363 -35.44 1.85 22.15
N THR A 364 -34.30 2.01 21.47
CA THR A 364 -33.30 0.96 21.34
C THR A 364 -32.15 1.13 22.30
N CYS A 365 -31.63 2.35 22.43
CA CYS A 365 -30.54 2.64 23.36
C CYS A 365 -30.93 2.45 24.81
N CYS A 366 -32.23 2.50 25.13
CA CYS A 366 -32.65 2.20 26.49
C CYS A 366 -32.69 0.70 26.75
N VAL A 367 -33.10 -0.10 25.76
CA VAL A 367 -33.23 -1.53 25.95
C VAL A 367 -31.86 -2.21 26.01
N MET A 368 -30.92 -1.73 25.19
CA MET A 368 -29.56 -2.27 25.17
C MET A 368 -28.81 -2.00 26.48
N LEU A 369 -29.27 -1.04 27.27
CA LEU A 369 -28.70 -0.81 28.60
C LEU A 369 -29.53 -1.45 29.71
N ILE A 370 -30.76 -1.87 29.41
CA ILE A 370 -31.51 -2.70 30.35
C ILE A 370 -30.86 -4.08 30.34
N LEU A 371 -30.47 -4.56 29.17
CA LEU A 371 -29.88 -5.90 29.09
C LEU A 371 -28.44 -5.96 29.59
N ALA A 372 -27.82 -4.84 29.97
CA ALA A 372 -26.43 -4.90 30.42
C ALA A 372 -26.33 -5.47 31.83
N ALA A 373 -27.20 -5.03 32.73
CA ALA A 373 -27.14 -5.42 34.14
C ALA A 373 -27.39 -6.91 34.42
N PRO A 374 -28.17 -7.66 33.64
CA PRO A 374 -28.11 -9.12 33.77
C PRO A 374 -26.96 -9.78 33.01
N MET A 375 -25.95 -9.04 32.56
CA MET A 375 -24.77 -9.67 31.97
C MET A 375 -23.47 -9.34 32.69
N MET A 376 -23.43 -8.30 33.52
CA MET A 376 -22.28 -8.13 34.39
C MET A 376 -22.25 -9.18 35.48
N PHE A 377 -23.40 -9.40 36.13
CA PHE A 377 -23.51 -10.36 37.21
C PHE A 377 -23.30 -11.79 36.73
N LEU A 378 -23.74 -12.11 35.51
CA LEU A 378 -23.54 -13.47 35.03
C LEU A 378 -22.08 -13.71 34.67
N TYR A 379 -21.36 -12.68 34.20
CA TYR A 379 -19.92 -12.83 34.00
C TYR A 379 -19.20 -12.98 35.32
N ASN A 380 -19.62 -12.23 36.34
CA ASN A 380 -19.06 -12.36 37.68
C ASN A 380 -19.30 -13.75 38.25
N TYR A 381 -20.45 -14.35 37.94
CA TYR A 381 -20.76 -15.70 38.37
C TYR A 381 -20.04 -16.76 37.56
N ILE A 382 -19.79 -16.53 36.27
CA ILE A 382 -19.27 -17.57 35.37
C ILE A 382 -17.76 -17.50 35.24
N GLY A 383 -17.10 -16.47 35.78
CA GLY A 383 -15.64 -16.36 35.73
C GLY A 383 -14.85 -17.45 36.44
N GLN A 384 -15.52 -18.37 37.16
CA GLN A 384 -14.82 -19.53 37.70
C GLN A 384 -14.32 -20.47 36.60
N ASP A 385 -15.00 -20.50 35.47
CA ASP A 385 -14.46 -21.22 34.32
C ASP A 385 -13.38 -20.38 33.64
N GLY A 386 -12.79 -20.95 32.60
CA GLY A 386 -11.64 -20.35 31.96
C GLY A 386 -11.93 -19.35 30.86
N ILE A 387 -11.19 -19.49 29.75
CA ILE A 387 -11.27 -18.54 28.64
C ILE A 387 -12.60 -18.67 27.91
N ALA A 388 -13.19 -19.87 27.92
CA ALA A 388 -14.34 -20.18 27.09
C ALA A 388 -15.58 -19.39 27.53
N SER A 389 -15.68 -19.07 28.82
CA SER A 389 -16.74 -18.18 29.25
C SER A 389 -16.30 -16.73 29.17
N SER A 390 -15.01 -16.47 29.39
CA SER A 390 -14.54 -15.09 29.47
C SER A 390 -14.35 -14.46 28.10
N ILE A 391 -14.61 -15.18 27.02
CA ILE A 391 -14.75 -14.52 25.73
C ILE A 391 -16.22 -14.33 25.39
N VAL A 392 -17.03 -15.38 25.61
CA VAL A 392 -18.42 -15.34 25.17
C VAL A 392 -19.26 -14.39 26.02
N MET A 393 -18.82 -14.09 27.24
CA MET A 393 -19.54 -13.08 28.00
C MET A 393 -18.99 -11.69 27.72
N LEU A 394 -17.70 -11.61 27.41
CA LEU A 394 -17.06 -10.32 27.22
C LEU A 394 -17.49 -9.67 25.91
N ILE A 395 -17.70 -10.48 24.87
CA ILE A 395 -18.17 -9.96 23.59
C ILE A 395 -19.59 -9.41 23.72
N ILE A 396 -20.46 -10.11 24.45
CA ILE A 396 -21.83 -9.66 24.63
C ILE A 396 -21.89 -8.41 25.50
N CYS A 397 -21.03 -8.32 26.52
CA CYS A 397 -20.99 -7.12 27.34
C CYS A 397 -20.48 -5.91 26.55
N GLY A 398 -19.48 -6.13 25.70
CA GLY A 398 -19.06 -5.07 24.80
C GLY A 398 -20.09 -4.69 23.76
N GLY A 399 -20.93 -5.64 23.36
CA GLY A 399 -22.04 -5.29 22.51
C GLY A 399 -23.16 -4.56 23.20
N LEU A 400 -23.27 -4.70 24.51
CA LEU A 400 -24.36 -4.04 25.21
C LEU A 400 -23.99 -2.71 25.84
N VAL A 401 -22.71 -2.40 26.05
CA VAL A 401 -22.39 -1.10 26.63
C VAL A 401 -21.59 -0.17 25.72
N ASN A 402 -21.05 -0.66 24.60
CA ASN A 402 -20.51 0.26 23.61
C ASN A 402 -21.42 0.41 22.41
N GLY A 403 -22.56 -0.27 22.41
CA GLY A 403 -23.60 -0.03 21.45
C GLY A 403 -24.19 1.35 21.57
N PRO A 404 -24.89 1.63 22.69
CA PRO A 404 -25.51 2.94 22.87
C PRO A 404 -24.55 4.09 23.06
N TYR A 405 -23.24 3.87 23.15
CA TYR A 405 -22.34 4.98 22.92
C TYR A 405 -22.18 5.27 21.44
N ALA A 406 -22.03 4.22 20.63
CA ALA A 406 -21.78 4.37 19.21
C ALA A 406 -23.00 4.91 18.48
N LEU A 407 -24.20 4.48 18.86
CA LEU A 407 -25.39 4.96 18.17
C LEU A 407 -25.72 6.39 18.57
N ILE A 408 -25.49 6.76 19.84
CA ILE A 408 -25.81 8.11 20.26
C ILE A 408 -24.77 9.10 19.77
N THR A 409 -23.51 8.71 19.66
CA THR A 409 -22.51 9.73 19.37
C THR A 409 -22.42 10.15 17.91
N THR A 410 -23.04 9.42 16.97
CA THR A 410 -22.89 9.76 15.55
C THR A 410 -24.18 9.77 14.73
N ALA A 411 -25.25 9.09 15.13
CA ALA A 411 -26.46 9.02 14.33
C ALA A 411 -27.61 9.75 15.00
N VAL A 412 -27.75 9.60 16.32
CA VAL A 412 -28.67 10.45 17.07
C VAL A 412 -28.19 11.88 17.11
N SER A 413 -26.88 12.10 17.10
CA SER A 413 -26.31 13.42 17.17
C SER A 413 -26.21 14.11 15.81
N ALA A 414 -26.76 13.52 14.76
CA ALA A 414 -26.82 14.18 13.46
C ALA A 414 -28.23 14.48 12.99
N ASP A 415 -29.21 13.63 13.33
CA ASP A 415 -30.58 13.96 12.98
C ASP A 415 -31.24 14.85 14.01
N LEU A 416 -30.77 14.84 15.26
CA LEU A 416 -31.18 15.88 16.17
C LEU A 416 -30.44 17.17 15.92
N GLY A 417 -29.37 17.13 15.11
CA GLY A 417 -28.76 18.36 14.66
C GLY A 417 -29.60 19.04 13.59
N THR A 418 -29.95 18.30 12.54
CA THR A 418 -30.82 18.83 11.50
C THR A 418 -32.26 18.40 11.74
N HIS A 419 -32.81 18.91 12.84
CA HIS A 419 -34.16 18.56 13.25
C HIS A 419 -35.16 19.33 12.39
N LYS A 420 -36.42 18.91 12.44
CA LYS A 420 -37.46 19.58 11.66
C LYS A 420 -38.02 20.81 12.35
N SER A 421 -37.44 21.21 13.47
CA SER A 421 -37.85 22.43 14.17
C SER A 421 -37.04 23.64 13.74
N LEU A 422 -36.00 23.46 12.93
CA LEU A 422 -35.13 24.55 12.53
C LEU A 422 -35.63 25.29 11.30
N LYS A 423 -36.58 24.70 10.55
CA LYS A 423 -37.20 25.28 9.35
C LYS A 423 -36.19 25.61 8.25
N GLY A 424 -35.03 24.97 8.24
CA GLY A 424 -34.08 25.10 7.15
C GLY A 424 -33.20 26.33 7.17
N ASN A 425 -33.51 27.35 7.97
CA ASN A 425 -32.73 28.58 8.00
C ASN A 425 -31.81 28.68 9.21
N ALA A 426 -31.23 27.56 9.62
CA ALA A 426 -30.30 27.54 10.74
C ALA A 426 -29.32 26.40 10.53
N LYS A 427 -28.03 26.71 10.56
CA LYS A 427 -26.98 25.73 10.34
C LYS A 427 -26.49 25.27 11.71
N ALA A 428 -27.06 24.16 12.17
CA ALA A 428 -26.76 23.62 13.50
C ALA A 428 -26.42 22.15 13.36
N LEU A 429 -25.17 21.88 13.01
CA LEU A 429 -24.67 20.52 13.01
C LEU A 429 -23.28 20.38 13.63
N SER A 430 -22.44 21.40 13.57
CA SER A 430 -21.18 21.39 14.30
C SER A 430 -21.30 21.96 15.69
N THR A 431 -22.50 22.20 16.18
CA THR A 431 -22.70 22.71 17.53
C THR A 431 -23.44 21.74 18.42
N VAL A 432 -24.38 20.99 17.86
CA VAL A 432 -25.06 19.95 18.61
C VAL A 432 -24.11 18.79 18.91
N THR A 433 -23.23 18.46 17.96
CA THR A 433 -22.27 17.38 18.17
C THR A 433 -21.27 17.75 19.26
N ALA A 434 -20.93 19.03 19.37
CA ALA A 434 -20.09 19.48 20.46
C ALA A 434 -20.73 19.28 21.82
N ILE A 435 -22.04 19.48 21.96
CA ILE A 435 -22.67 19.23 23.25
C ILE A 435 -22.72 17.74 23.56
N ILE A 436 -23.17 16.93 22.60
CA ILE A 436 -23.29 15.49 22.86
C ILE A 436 -21.92 14.80 22.98
N ASP A 437 -20.84 15.46 22.56
CA ASP A 437 -19.51 14.90 22.78
C ASP A 437 -18.81 15.50 24.00
N GLY A 438 -18.99 16.79 24.25
CA GLY A 438 -18.37 17.42 25.40
C GLY A 438 -19.03 17.09 26.71
N THR A 439 -20.20 16.46 26.67
CA THR A 439 -20.66 15.83 27.90
C THR A 439 -20.00 14.48 28.09
N GLY A 440 -19.86 13.71 27.01
CA GLY A 440 -19.25 12.39 27.10
C GLY A 440 -17.76 12.40 27.38
N SER A 441 -17.09 13.54 27.19
CA SER A 441 -15.70 13.66 27.61
C SER A 441 -15.54 14.06 29.07
N ILE A 442 -16.47 14.84 29.61
CA ILE A 442 -16.51 15.11 31.05
C ILE A 442 -16.80 13.79 31.76
N GLY A 443 -17.64 12.96 31.13
CA GLY A 443 -17.93 11.64 31.66
C GLY A 443 -16.73 10.72 31.76
N ALA A 444 -15.69 10.95 30.97
CA ALA A 444 -14.46 10.20 31.14
C ALA A 444 -13.41 10.93 31.96
N ALA A 445 -13.52 12.26 32.09
CA ALA A 445 -12.60 12.97 32.97
C ALA A 445 -12.86 12.65 34.44
N LEU A 446 -14.11 12.37 34.79
CA LEU A 446 -14.45 11.93 36.14
C LEU A 446 -14.24 10.44 36.35
N GLY A 447 -13.67 9.74 35.38
CA GLY A 447 -13.38 8.34 35.49
C GLY A 447 -12.28 8.02 36.48
N PRO A 448 -11.05 8.46 36.20
CA PRO A 448 -9.95 8.21 37.14
C PRO A 448 -10.07 8.94 38.48
N LEU A 449 -10.93 9.94 38.59
CA LEU A 449 -11.12 10.57 39.89
C LEU A 449 -11.95 9.68 40.81
N LEU A 450 -13.13 9.27 40.35
CA LEU A 450 -13.97 8.40 41.15
C LEU A 450 -13.42 6.97 41.23
N ALA A 451 -12.58 6.57 40.29
CA ALA A 451 -11.90 5.29 40.38
C ALA A 451 -10.63 5.38 41.23
N GLY A 452 -10.39 6.52 41.86
CA GLY A 452 -9.26 6.69 42.73
C GLY A 452 -9.70 7.12 44.11
N LEU A 453 -10.92 7.62 44.23
CA LEU A 453 -11.44 8.02 45.54
C LEU A 453 -12.50 7.08 46.09
N ILE A 454 -12.67 5.90 45.50
CA ILE A 454 -13.39 4.81 46.17
C ILE A 454 -12.57 3.51 46.17
N SER A 455 -11.62 3.35 45.25
CA SER A 455 -10.74 2.20 45.14
C SER A 455 -9.81 1.90 46.33
N PRO A 456 -9.44 2.84 47.21
CA PRO A 456 -8.83 2.41 48.47
C PRO A 456 -9.77 1.68 49.40
N THR A 457 -11.10 1.86 49.26
CA THR A 457 -12.05 1.18 50.14
C THR A 457 -12.39 -0.19 49.58
N GLY A 458 -11.43 -1.10 49.72
CA GLY A 458 -11.58 -2.45 49.19
C GLY A 458 -11.12 -2.53 47.75
N TRP A 459 -11.62 -3.55 47.06
CA TRP A 459 -11.45 -3.61 45.61
C TRP A 459 -12.71 -4.06 44.90
N ASN A 460 -13.70 -4.57 45.60
CA ASN A 460 -14.98 -4.95 45.02
C ASN A 460 -15.91 -3.76 44.93
N ASN A 461 -15.69 -2.72 45.73
CA ASN A 461 -16.63 -1.62 45.87
C ASN A 461 -16.68 -0.72 44.65
N VAL A 462 -15.70 -0.82 43.74
CA VAL A 462 -15.78 -0.06 42.50
C VAL A 462 -16.77 -0.70 41.54
N PHE A 463 -17.15 -1.96 41.76
CA PHE A 463 -18.05 -2.64 40.83
C PHE A 463 -19.50 -2.24 41.04
N TYR A 464 -19.89 -1.91 42.26
CA TYR A 464 -21.27 -1.51 42.52
C TYR A 464 -21.60 -0.16 41.90
N MET A 465 -20.58 0.67 41.62
CA MET A 465 -20.81 1.94 40.95
C MET A 465 -21.24 1.74 39.50
N LEU A 466 -20.86 0.63 38.86
CA LEU A 466 -21.34 0.35 37.50
C LEU A 466 -22.84 0.08 37.49
N ILE A 467 -23.31 -0.72 38.44
CA ILE A 467 -24.74 -1.00 38.53
C ILE A 467 -25.50 0.24 38.99
N SER A 468 -24.87 1.06 39.82
CA SER A 468 -25.47 2.34 40.19
C SER A 468 -25.52 3.33 39.03
N ALA A 469 -24.65 3.18 38.03
CA ALA A 469 -24.66 4.08 36.88
C ALA A 469 -25.52 3.59 35.72
N ASP A 470 -25.71 2.29 35.55
CA ASP A 470 -26.60 1.81 34.50
C ASP A 470 -28.05 2.18 34.77
N VAL A 471 -28.46 2.23 36.04
CA VAL A 471 -29.82 2.62 36.35
C VAL A 471 -30.05 4.09 36.03
N LEU A 472 -29.05 4.93 36.31
CA LEU A 472 -29.13 6.33 35.91
C LEU A 472 -29.04 6.50 34.40
N ALA A 473 -28.36 5.61 33.70
CA ALA A 473 -28.35 5.69 32.24
C ALA A 473 -29.71 5.30 31.66
N CYS A 474 -30.36 4.29 32.24
CA CYS A 474 -31.64 3.84 31.72
C CYS A 474 -32.76 4.82 32.05
N LEU A 475 -32.84 5.25 33.30
CA LEU A 475 -33.99 6.04 33.74
C LEU A 475 -33.89 7.51 33.38
N LEU A 476 -32.92 7.92 32.56
CA LEU A 476 -32.81 9.32 32.18
C LEU A 476 -33.40 9.58 30.81
N LEU A 477 -33.68 8.54 30.02
CA LEU A 477 -34.27 8.67 28.70
C LEU A 477 -35.77 8.44 28.72
N CYS A 478 -36.40 8.54 29.88
CA CYS A 478 -37.80 8.14 30.04
C CYS A 478 -38.75 9.05 29.30
N ARG A 479 -38.49 10.36 29.26
CA ARG A 479 -39.35 11.30 28.56
C ARG A 479 -39.35 11.02 27.06
N LEU A 480 -38.18 10.72 26.50
CA LEU A 480 -38.09 10.46 25.08
C LEU A 480 -38.68 9.10 24.71
N VAL A 481 -38.52 8.08 25.56
CA VAL A 481 -39.18 6.81 25.27
C VAL A 481 -40.70 6.94 25.42
N TYR A 482 -41.15 7.76 26.38
CA TYR A 482 -42.58 8.08 26.53
C TYR A 482 -43.14 8.78 25.30
N LYS A 483 -42.36 9.65 24.67
CA LYS A 483 -42.78 10.24 23.40
C LYS A 483 -42.77 9.21 22.27
N GLU A 484 -41.78 8.33 22.24
CA GLU A 484 -41.61 7.42 21.09
C GLU A 484 -42.64 6.30 21.08
N ILE A 485 -43.13 5.87 22.24
CA ILE A 485 -44.04 4.72 22.25
C ILE A 485 -45.44 5.13 21.76
N LEU A 486 -45.93 6.31 22.17
CA LEU A 486 -47.25 6.74 21.75
C LEU A 486 -47.31 7.08 20.26
N ALA A 487 -46.16 7.32 19.62
CA ALA A 487 -46.14 7.43 18.17
C ALA A 487 -46.34 6.07 17.52
N TRP A 488 -45.81 5.00 18.13
CA TRP A 488 -46.07 3.65 17.61
C TRP A 488 -47.51 3.23 17.84
N LYS A 489 -48.09 3.64 18.96
CA LYS A 489 -49.45 3.22 19.29
C LYS A 489 -50.49 3.84 18.35
N VAL A 490 -50.17 4.95 17.69
CA VAL A 490 -51.08 5.52 16.71
C VAL A 490 -51.10 4.70 15.42
N SER A 491 -49.91 4.35 14.91
CA SER A 491 -49.82 3.79 13.57
C SER A 491 -50.08 2.29 13.50
N LEU A 492 -50.01 1.57 14.63
CA LEU A 492 -50.16 0.11 14.59
C LEU A 492 -51.37 -0.39 15.37
N SER A 493 -51.52 0.03 16.63
CA SER A 493 -52.58 -0.49 17.47
C SER A 493 -53.97 0.02 17.07
N ARG A 494 -54.02 1.17 16.38
CA ARG A 494 -55.30 1.67 15.90
C ARG A 494 -55.77 0.88 14.69
N GLY A 495 -54.86 0.55 13.78
CA GLY A 495 -55.21 -0.16 12.57
C GLY A 495 -54.69 0.52 11.32
N SER A 496 -53.71 1.43 11.50
CA SER A 496 -53.04 2.18 10.44
C SER A 496 -54.05 2.99 9.61
N GLY A 497 -54.71 3.93 10.28
CA GLY A 497 -55.67 4.80 9.61
C GLY A 497 -55.06 6.06 9.06
N TYR A 498 -55.24 6.29 7.75
CA TYR A 498 -54.73 7.44 7.01
C TYR A 498 -53.21 7.53 7.12
N LYS A 499 -52.56 6.54 6.53
CA LYS A 499 -51.10 6.50 6.48
C LYS A 499 -50.58 7.19 5.22
N MET B 1 -17.87 30.19 -3.20
CA MET B 1 -17.57 31.60 -2.96
C MET B 1 -16.67 31.76 -1.76
N ARG B 2 -17.12 31.25 -0.61
CA ARG B 2 -16.35 31.34 0.63
C ARG B 2 -15.27 30.25 0.68
N SER B 3 -15.66 29.01 0.45
CA SER B 3 -14.73 27.88 0.37
C SER B 3 -14.66 27.46 -1.09
N SER B 4 -13.51 27.68 -1.71
CA SER B 4 -13.29 27.26 -3.09
C SER B 4 -13.04 25.76 -3.15
N LEU B 5 -12.87 25.25 -4.37
CA LEU B 5 -12.61 23.84 -4.55
C LEU B 5 -11.21 23.48 -4.10
N ALA B 6 -10.98 22.20 -3.91
CA ALA B 6 -9.67 21.75 -3.49
C ALA B 6 -8.70 21.77 -4.65
N PRO B 7 -7.42 22.07 -4.38
CA PRO B 7 -6.41 22.05 -5.45
C PRO B 7 -6.15 20.68 -6.06
N GLY B 8 -6.59 19.59 -5.43
CA GLY B 8 -6.48 18.29 -6.06
C GLY B 8 -7.75 17.90 -6.79
N VAL B 9 -8.83 18.63 -6.53
CA VAL B 9 -10.09 18.39 -7.24
C VAL B 9 -10.23 19.32 -8.44
N TRP B 10 -9.77 20.56 -8.28
CA TRP B 10 -9.74 21.49 -9.41
C TRP B 10 -8.74 21.06 -10.46
N PHE B 11 -7.68 20.37 -10.05
CA PHE B 11 -6.72 19.84 -11.01
C PHE B 11 -7.25 18.60 -11.72
N PHE B 12 -7.88 17.68 -10.97
CA PHE B 12 -8.39 16.46 -11.60
C PHE B 12 -9.65 16.69 -12.41
N ARG B 13 -10.39 17.77 -12.16
CA ARG B 13 -11.55 18.08 -12.99
C ARG B 13 -11.21 18.94 -14.19
N ALA B 14 -9.95 18.98 -14.62
CA ALA B 14 -9.60 19.58 -15.90
C ALA B 14 -9.27 18.55 -16.95
N PHE B 15 -8.97 17.32 -16.55
CA PHE B 15 -8.61 16.27 -17.50
C PHE B 15 -9.87 15.66 -18.08
N SER B 16 -9.83 15.34 -19.36
CA SER B 16 -11.00 14.78 -20.04
C SER B 16 -11.21 13.33 -19.60
N ARG B 17 -12.37 12.78 -19.98
CA ARG B 17 -12.60 11.36 -19.74
C ARG B 17 -11.71 10.52 -20.63
N ASP B 18 -11.38 11.05 -21.81
CA ASP B 18 -10.46 10.38 -22.72
C ASP B 18 -9.08 10.21 -22.09
N SER B 19 -8.64 11.21 -21.33
CA SER B 19 -7.33 11.12 -20.69
C SER B 19 -7.30 10.09 -19.57
N TRP B 20 -8.36 9.95 -18.78
CA TRP B 20 -8.37 8.90 -17.76
C TRP B 20 -8.47 7.51 -18.39
N PHE B 21 -9.24 7.36 -19.47
CA PHE B 21 -9.30 6.03 -20.06
C PHE B 21 -8.06 5.70 -20.89
N ARG B 22 -7.26 6.70 -21.27
CA ARG B 22 -5.97 6.34 -21.86
C ARG B 22 -4.83 6.43 -20.87
N GLY B 23 -5.13 6.73 -19.60
CA GLY B 23 -4.15 6.58 -18.55
C GLY B 23 -4.26 5.25 -17.84
N LEU B 24 -5.49 4.72 -17.78
CA LEU B 24 -5.72 3.43 -17.16
C LEU B 24 -4.99 2.31 -17.90
N ILE B 25 -4.99 2.37 -19.24
CA ILE B 25 -4.33 1.34 -20.02
C ILE B 25 -2.81 1.46 -19.95
N LEU B 26 -2.27 2.68 -19.94
CA LEU B 26 -0.83 2.85 -19.75
C LEU B 26 -0.38 2.53 -18.34
N LEU B 27 -1.29 2.43 -17.38
CA LEU B 27 -0.87 1.86 -16.10
C LEU B 27 -0.98 0.34 -16.10
N LEU B 28 -2.06 -0.20 -16.66
CA LEU B 28 -2.30 -1.63 -16.58
C LEU B 28 -1.30 -2.42 -17.41
N THR B 29 -0.92 -1.91 -18.58
CA THR B 29 0.07 -2.65 -19.37
C THR B 29 1.46 -2.60 -18.76
N PHE B 30 1.80 -1.50 -18.08
CA PHE B 30 3.02 -1.41 -17.29
C PHE B 30 3.04 -2.50 -16.22
N LEU B 31 1.98 -2.56 -15.40
CA LEU B 31 1.94 -3.58 -14.36
C LEU B 31 1.71 -4.98 -14.88
N ILE B 32 1.31 -5.15 -16.14
CA ILE B 32 1.32 -6.49 -16.71
C ILE B 32 2.73 -6.91 -17.08
N TYR B 33 3.44 -6.10 -17.87
CA TYR B 33 4.68 -6.63 -18.43
C TYR B 33 5.83 -6.57 -17.44
N ALA B 34 5.76 -5.67 -16.46
CA ALA B 34 6.73 -5.74 -15.38
C ALA B 34 6.60 -7.03 -14.60
N CYS B 35 5.38 -7.55 -14.44
CA CYS B 35 5.18 -8.83 -13.80
C CYS B 35 5.49 -10.01 -14.72
N TYR B 36 5.68 -9.78 -16.02
CA TYR B 36 6.25 -10.81 -16.87
C TYR B 36 7.76 -10.88 -16.73
N HIS B 37 8.43 -9.74 -16.52
CA HIS B 37 9.89 -9.82 -16.43
C HIS B 37 10.38 -10.43 -15.11
N MET B 38 9.65 -10.26 -14.02
CA MET B 38 10.16 -10.85 -12.78
C MET B 38 9.85 -12.33 -12.66
N SER B 39 9.24 -12.94 -13.66
CA SER B 39 9.19 -14.39 -13.69
C SER B 39 10.44 -14.99 -14.30
N ARG B 40 11.28 -14.18 -14.95
CA ARG B 40 12.46 -14.65 -15.66
C ARG B 40 13.76 -14.42 -14.92
N LYS B 41 13.81 -13.43 -14.04
CA LYS B 41 15.07 -13.08 -13.38
C LYS B 41 15.61 -14.09 -12.37
N PRO B 42 14.82 -14.74 -11.46
CA PRO B 42 15.48 -15.55 -10.42
C PRO B 42 16.17 -16.83 -10.86
N ILE B 43 16.22 -17.16 -12.16
CA ILE B 43 17.16 -18.18 -12.58
C ILE B 43 18.53 -17.58 -12.80
N SER B 44 18.62 -16.26 -12.90
CA SER B 44 19.93 -15.64 -13.00
C SER B 44 20.55 -15.40 -11.64
N ILE B 45 19.72 -15.10 -10.63
CA ILE B 45 20.25 -14.72 -9.32
C ILE B 45 20.49 -15.92 -8.43
N VAL B 46 20.04 -17.11 -8.81
CA VAL B 46 20.19 -18.30 -7.97
C VAL B 46 21.32 -19.20 -8.45
N LYS B 47 21.99 -18.83 -9.54
CA LYS B 47 23.12 -19.63 -10.00
C LYS B 47 24.33 -19.53 -9.08
N SER B 48 24.34 -18.53 -8.19
CA SER B 48 25.35 -18.42 -7.13
C SER B 48 25.01 -19.26 -5.91
N ARG B 49 24.08 -20.19 -6.01
CA ARG B 49 23.62 -21.01 -4.90
C ARG B 49 23.74 -22.50 -5.19
N LEU B 50 23.56 -22.90 -6.44
CA LEU B 50 23.54 -24.31 -6.80
C LEU B 50 24.91 -24.97 -6.77
N HIS B 51 26.00 -24.21 -6.57
CA HIS B 51 27.31 -24.83 -6.42
C HIS B 51 28.16 -23.97 -5.48
N GLN B 52 28.15 -24.31 -4.21
CA GLN B 52 29.04 -23.73 -3.22
C GLN B 52 30.27 -24.62 -3.07
N ASN B 53 31.42 -23.99 -2.81
CA ASN B 53 32.62 -24.77 -2.50
C ASN B 53 32.56 -25.24 -1.05
N CYS B 54 32.57 -26.56 -0.86
CA CYS B 54 32.42 -27.15 0.46
C CYS B 54 33.69 -27.08 1.30
N SER B 55 34.80 -26.61 0.74
CA SER B 55 36.02 -26.44 1.53
C SER B 55 35.89 -25.24 2.47
N GLU B 56 35.42 -24.12 1.96
CA GLU B 56 35.20 -22.92 2.78
C GLU B 56 33.72 -22.85 3.14
N GLN B 57 33.31 -23.71 4.07
CA GLN B 57 31.92 -23.79 4.50
C GLN B 57 31.86 -24.40 5.89
N ILE B 58 30.93 -23.89 6.72
CA ILE B 58 30.74 -24.40 8.06
C ILE B 58 30.15 -25.80 8.00
N LYS B 59 30.74 -26.74 8.75
CA LYS B 59 30.38 -28.16 8.72
C LYS B 59 29.95 -28.59 10.12
N PRO B 60 28.71 -28.28 10.56
CA PRO B 60 28.27 -28.76 11.87
C PRO B 60 28.03 -30.26 11.99
N ILE B 61 27.04 -30.79 11.26
CA ILE B 61 26.64 -32.20 11.36
C ILE B 61 26.39 -32.79 9.98
N ASN B 62 26.82 -32.10 8.93
CA ASN B 62 26.33 -32.36 7.58
C ASN B 62 27.12 -33.44 6.84
N ASP B 63 27.75 -34.37 7.56
CA ASP B 63 28.56 -35.41 6.93
C ASP B 63 27.72 -36.68 6.78
N THR B 64 27.40 -37.02 5.52
CA THR B 64 26.84 -38.34 5.24
C THR B 64 27.92 -39.39 5.01
N HIS B 65 29.12 -38.96 4.58
CA HIS B 65 30.30 -39.80 4.51
C HIS B 65 31.51 -38.88 4.41
N SER B 66 32.59 -39.26 5.07
CA SER B 66 33.78 -38.42 5.18
C SER B 66 34.80 -38.77 4.09
N LEU B 67 35.60 -37.76 3.73
CA LEU B 67 36.82 -37.85 2.92
C LEU B 67 36.56 -38.16 1.44
N ASN B 68 35.32 -38.48 1.07
CA ASN B 68 35.00 -38.87 -0.29
C ASN B 68 33.79 -38.15 -0.86
N ASP B 69 33.44 -36.98 -0.30
CA ASP B 69 32.29 -36.22 -0.82
C ASP B 69 32.75 -34.91 -1.44
N THR B 70 33.28 -33.97 -0.63
CA THR B 70 33.63 -32.58 -0.99
C THR B 70 32.55 -31.85 -1.79
N MET B 71 31.28 -32.28 -1.68
CA MET B 71 30.21 -31.77 -2.53
C MET B 71 28.89 -31.66 -1.78
N TRP B 72 28.90 -31.76 -0.45
CA TRP B 72 27.65 -31.81 0.31
C TRP B 72 26.91 -30.49 0.29
N CYS B 73 27.62 -29.39 0.10
CA CYS B 73 27.00 -28.07 -0.01
C CYS B 73 26.72 -27.70 -1.46
N SER B 74 26.09 -28.63 -2.18
CA SER B 74 25.84 -28.43 -3.61
C SER B 74 24.61 -29.23 -4.01
N TRP B 75 23.96 -28.78 -5.06
CA TRP B 75 22.79 -29.46 -5.59
C TRP B 75 23.29 -30.54 -6.56
N ALA B 76 22.46 -31.53 -6.86
CA ALA B 76 23.03 -32.78 -7.37
C ALA B 76 23.39 -32.82 -8.86
N PRO B 77 22.59 -32.29 -9.83
CA PRO B 77 23.10 -32.34 -11.21
C PRO B 77 23.93 -31.12 -11.56
N PHE B 78 24.17 -30.25 -10.58
CA PHE B 78 25.06 -29.12 -10.78
C PHE B 78 26.21 -29.12 -9.79
N ASP B 79 26.89 -30.25 -9.58
CA ASP B 79 27.94 -30.35 -8.58
C ASP B 79 29.30 -30.64 -9.15
N LYS B 80 29.38 -31.15 -10.37
CA LYS B 80 30.64 -31.59 -10.97
C LYS B 80 31.41 -30.39 -11.48
N ASP B 81 32.45 -30.64 -12.27
CA ASP B 81 33.21 -29.55 -12.86
C ASP B 81 32.50 -28.90 -14.04
N ASN B 82 31.43 -29.49 -14.54
CA ASN B 82 30.65 -28.92 -15.64
C ASN B 82 29.39 -28.21 -15.16
N TYR B 83 29.47 -27.55 -14.01
CA TYR B 83 28.31 -26.81 -13.51
C TYR B 83 28.11 -25.48 -14.23
N LYS B 84 29.09 -25.00 -14.98
CA LYS B 84 28.94 -23.82 -15.80
C LYS B 84 28.52 -24.13 -17.23
N GLU B 85 28.44 -25.42 -17.57
CA GLU B 85 27.91 -25.84 -18.87
C GLU B 85 26.47 -26.32 -18.78
N LEU B 86 26.11 -26.97 -17.68
CA LEU B 86 24.74 -27.46 -17.54
C LEU B 86 23.76 -26.37 -17.18
N LEU B 87 24.24 -25.18 -16.77
CA LEU B 87 23.32 -24.05 -16.63
C LEU B 87 22.97 -23.46 -17.99
N GLY B 88 23.85 -23.62 -18.97
CA GLY B 88 23.55 -23.22 -20.32
C GLY B 88 22.74 -24.22 -21.10
N GLY B 89 22.37 -25.34 -20.49
CA GLY B 89 21.45 -26.29 -21.11
C GLY B 89 20.09 -26.15 -20.49
N VAL B 90 19.99 -25.19 -19.56
CA VAL B 90 18.72 -24.83 -18.93
C VAL B 90 18.29 -23.45 -19.37
N ASP B 91 19.19 -22.48 -19.26
CA ASP B 91 18.82 -21.11 -19.57
C ASP B 91 18.70 -20.86 -21.06
N ASN B 92 19.31 -21.71 -21.89
CA ASN B 92 19.07 -21.67 -23.33
C ASN B 92 17.85 -22.50 -23.69
N ALA B 93 17.57 -23.57 -22.94
CA ALA B 93 16.38 -24.35 -23.15
C ALA B 93 15.11 -23.59 -22.84
N PHE B 94 15.20 -22.56 -22.00
CA PHE B 94 14.09 -21.60 -21.93
C PHE B 94 14.02 -20.75 -23.19
N LEU B 95 15.12 -20.07 -23.54
CA LEU B 95 15.10 -19.03 -24.56
C LEU B 95 14.99 -19.57 -25.98
N ILE B 96 15.02 -20.87 -26.19
CA ILE B 96 14.64 -21.45 -27.48
C ILE B 96 13.13 -21.47 -27.65
N ALA B 97 12.41 -22.02 -26.68
CA ALA B 97 10.96 -22.14 -26.82
C ALA B 97 10.23 -20.82 -26.60
N TYR B 98 10.94 -19.75 -26.29
CA TYR B 98 10.39 -18.41 -26.33
C TYR B 98 10.54 -17.79 -27.71
N ALA B 99 11.48 -18.25 -28.52
CA ALA B 99 11.68 -17.78 -29.89
C ALA B 99 10.75 -18.50 -30.86
N ILE B 100 10.70 -19.83 -30.78
CA ILE B 100 9.82 -20.61 -31.64
C ILE B 100 8.36 -20.35 -31.27
N GLY B 101 8.09 -20.00 -30.01
CA GLY B 101 6.76 -19.56 -29.65
C GLY B 101 6.34 -18.25 -30.27
N MET B 102 7.23 -17.26 -30.30
CA MET B 102 6.87 -15.96 -30.85
C MET B 102 6.90 -15.94 -32.37
N PHE B 103 7.66 -16.82 -33.01
CA PHE B 103 7.58 -16.93 -34.46
C PHE B 103 6.24 -17.53 -34.90
N ILE B 104 5.56 -18.27 -34.04
CA ILE B 104 4.26 -18.84 -34.37
C ILE B 104 3.12 -17.93 -33.91
N SER B 105 3.24 -17.32 -32.74
CA SER B 105 2.21 -16.41 -32.24
C SER B 105 2.12 -15.11 -33.03
N GLY B 106 3.12 -14.80 -33.86
CA GLY B 106 3.00 -13.71 -34.80
C GLY B 106 2.20 -14.06 -36.05
N VAL B 107 1.78 -15.31 -36.18
CA VAL B 107 0.91 -15.74 -37.27
C VAL B 107 -0.44 -16.21 -36.74
N PHE B 108 -0.44 -17.16 -35.81
CA PHE B 108 -1.67 -17.69 -35.24
C PHE B 108 -1.99 -17.02 -33.91
N GLY B 109 -2.23 -15.71 -33.97
CA GLY B 109 -2.49 -14.95 -32.75
C GLY B 109 -3.81 -14.23 -32.78
N GLU B 110 -4.83 -14.85 -33.38
CA GLU B 110 -6.13 -14.23 -33.53
C GLU B 110 -7.30 -15.16 -33.28
N ARG B 111 -7.08 -16.43 -32.98
CA ARG B 111 -8.16 -17.38 -32.80
C ARG B 111 -8.81 -17.29 -31.42
N LEU B 112 -8.33 -16.42 -30.55
CA LEU B 112 -8.93 -16.14 -29.26
C LEU B 112 -8.94 -14.64 -29.03
N PRO B 113 -9.91 -14.13 -28.27
CA PRO B 113 -9.91 -12.71 -27.94
C PRO B 113 -8.74 -12.36 -27.03
N LEU B 114 -8.41 -11.05 -27.05
CA LEU B 114 -7.13 -10.58 -26.51
C LEU B 114 -7.01 -10.81 -25.01
N ARG B 115 -8.08 -10.52 -24.27
CA ARG B 115 -7.98 -10.62 -22.82
C ARG B 115 -8.11 -12.05 -22.34
N TYR B 116 -8.86 -12.90 -23.03
CA TYR B 116 -8.90 -14.32 -22.70
C TYR B 116 -7.63 -15.04 -23.11
N TYR B 117 -6.82 -14.44 -23.98
CA TYR B 117 -5.53 -14.98 -24.39
C TYR B 117 -4.38 -14.42 -23.56
N LEU B 118 -4.55 -13.24 -22.99
CA LEU B 118 -3.53 -12.66 -22.13
C LEU B 118 -3.64 -13.14 -20.70
N SER B 119 -4.85 -13.37 -20.20
CA SER B 119 -5.02 -13.86 -18.85
C SER B 119 -5.03 -15.37 -18.76
N ALA B 120 -4.90 -16.08 -19.87
CA ALA B 120 -4.54 -17.49 -19.85
C ALA B 120 -3.06 -17.66 -20.17
N GLY B 121 -2.31 -16.58 -20.11
CA GLY B 121 -0.89 -16.59 -20.39
C GLY B 121 -0.12 -16.02 -19.22
N MET B 122 -0.84 -15.40 -18.29
CA MET B 122 -0.25 -15.06 -17.00
C MET B 122 -0.66 -16.05 -15.93
N LEU B 123 -1.47 -17.03 -16.28
CA LEU B 123 -1.93 -18.05 -15.34
C LEU B 123 -1.24 -19.38 -15.53
N LEU B 124 -0.76 -19.68 -16.73
CA LEU B 124 0.12 -20.82 -16.96
C LEU B 124 1.59 -20.44 -16.97
N SER B 125 1.92 -19.15 -17.04
CA SER B 125 3.30 -18.75 -16.80
C SER B 125 3.56 -18.40 -15.34
N GLY B 126 2.58 -18.62 -14.48
CA GLY B 126 2.78 -18.49 -13.05
C GLY B 126 2.68 -19.85 -12.40
N LEU B 127 2.26 -20.83 -13.17
CA LEU B 127 2.26 -22.23 -12.73
C LEU B 127 3.55 -22.93 -13.12
N PHE B 128 3.95 -22.87 -14.39
CA PHE B 128 5.18 -23.54 -14.82
C PHE B 128 6.46 -22.90 -14.32
N THR B 129 6.40 -21.80 -13.58
CA THR B 129 7.58 -21.23 -12.94
C THR B 129 7.66 -21.53 -11.46
N SER B 130 6.52 -21.57 -10.76
CA SER B 130 6.53 -21.99 -9.36
C SER B 130 6.75 -23.48 -9.20
N LEU B 131 6.57 -24.29 -10.26
CA LEU B 131 7.02 -25.68 -10.22
C LEU B 131 8.53 -25.80 -10.16
N PHE B 132 9.25 -24.85 -10.74
CA PHE B 132 10.71 -24.89 -10.71
C PHE B 132 11.24 -24.72 -9.29
N GLY B 133 10.54 -23.93 -8.47
CA GLY B 133 10.89 -23.81 -7.06
C GLY B 133 10.23 -24.84 -6.18
N LEU B 134 9.06 -25.34 -6.57
CA LEU B 134 8.40 -26.43 -5.85
C LEU B 134 9.13 -27.74 -6.05
N GLY B 135 10.02 -27.83 -7.04
CA GLY B 135 10.94 -28.95 -7.12
C GLY B 135 11.92 -29.03 -5.96
N TYR B 136 12.11 -27.93 -5.22
CA TYR B 136 12.99 -28.00 -4.06
C TYR B 136 12.34 -28.75 -2.91
N PHE B 137 11.06 -28.49 -2.65
CA PHE B 137 10.42 -29.12 -1.50
C PHE B 137 10.14 -30.59 -1.75
N TRP B 138 9.94 -30.96 -3.00
CA TRP B 138 9.81 -32.36 -3.36
C TRP B 138 11.18 -32.95 -3.69
N ASN B 139 12.24 -32.16 -3.53
CA ASN B 139 13.68 -32.44 -3.57
C ASN B 139 14.12 -33.53 -4.54
N ILE B 140 13.64 -33.44 -5.77
CA ILE B 140 14.03 -34.38 -6.81
C ILE B 140 15.36 -33.92 -7.41
N HIS B 141 16.25 -34.88 -7.66
CA HIS B 141 17.61 -34.60 -8.14
C HIS B 141 17.74 -35.22 -9.52
N GLU B 142 17.35 -34.48 -10.54
CA GLU B 142 17.36 -35.02 -11.89
C GLU B 142 17.45 -33.87 -12.88
N LEU B 143 18.32 -34.01 -13.89
CA LEU B 143 18.43 -32.98 -14.92
C LEU B 143 17.19 -32.94 -15.79
N TRP B 144 16.50 -34.08 -15.94
CA TRP B 144 15.32 -34.18 -16.79
C TRP B 144 14.17 -33.31 -16.29
N TYR B 145 14.08 -33.08 -14.97
CA TYR B 145 12.99 -32.25 -14.46
C TYR B 145 13.25 -30.77 -14.64
N PHE B 146 14.50 -30.34 -14.66
CA PHE B 146 14.77 -28.91 -14.78
C PHE B 146 14.86 -28.45 -16.24
N VAL B 147 14.38 -29.25 -17.18
CA VAL B 147 14.41 -28.92 -18.59
C VAL B 147 12.99 -28.80 -19.17
N VAL B 148 12.16 -29.81 -18.93
CA VAL B 148 10.78 -29.79 -19.45
C VAL B 148 9.96 -28.71 -18.76
N ILE B 149 10.27 -28.41 -17.50
CA ILE B 149 9.66 -27.25 -16.86
C ILE B 149 10.22 -25.96 -17.45
N GLN B 150 11.46 -25.98 -17.93
CA GLN B 150 12.02 -24.78 -18.56
C GLN B 150 11.72 -24.68 -20.05
N VAL B 151 11.41 -25.77 -20.74
CA VAL B 151 11.04 -25.62 -22.15
C VAL B 151 9.55 -25.34 -22.28
N CYS B 152 8.74 -25.72 -21.31
CA CYS B 152 7.34 -25.38 -21.36
C CYS B 152 7.04 -24.04 -20.73
N ASN B 153 8.00 -23.46 -20.01
CA ASN B 153 7.77 -22.12 -19.50
C ASN B 153 7.98 -21.09 -20.60
N GLY B 154 8.80 -21.41 -21.60
CA GLY B 154 9.01 -20.48 -22.70
C GLY B 154 7.90 -20.48 -23.72
N LEU B 155 7.20 -21.60 -23.88
CA LEU B 155 6.12 -21.69 -24.85
C LEU B 155 4.86 -20.99 -24.35
N VAL B 156 4.70 -20.83 -23.04
CA VAL B 156 3.58 -20.08 -22.50
C VAL B 156 3.91 -18.60 -22.47
N GLN B 157 5.10 -18.25 -21.97
CA GLN B 157 5.45 -16.87 -21.71
C GLN B 157 5.71 -16.07 -22.99
N THR B 158 5.54 -16.68 -24.16
CA THR B 158 5.51 -15.93 -25.40
C THR B 158 4.20 -15.19 -25.60
N THR B 159 3.21 -15.35 -24.72
CA THR B 159 1.97 -14.61 -24.89
C THR B 159 1.99 -13.23 -24.22
N GLY B 160 3.16 -12.73 -23.85
CA GLY B 160 3.24 -11.41 -23.25
C GLY B 160 3.30 -10.26 -24.22
N TRP B 161 4.36 -10.19 -25.01
CA TRP B 161 4.58 -9.04 -25.86
C TRP B 161 3.73 -8.94 -27.13
N PRO B 162 3.35 -10.05 -27.83
CA PRO B 162 2.36 -9.87 -28.92
C PRO B 162 0.99 -9.37 -28.46
N SER B 163 0.67 -9.50 -27.18
CA SER B 163 -0.63 -9.10 -26.70
C SER B 163 -0.58 -7.92 -25.74
N VAL B 164 0.45 -7.08 -25.83
CA VAL B 164 0.43 -5.80 -25.14
C VAL B 164 0.48 -4.65 -26.13
N VAL B 165 1.27 -4.77 -27.20
CA VAL B 165 1.37 -3.69 -28.17
C VAL B 165 0.13 -3.55 -29.04
N THR B 166 -0.75 -4.55 -29.09
CA THR B 166 -2.06 -4.36 -29.71
C THR B 166 -3.12 -4.00 -28.70
N CYS B 167 -2.76 -3.90 -27.43
CA CYS B 167 -3.67 -3.36 -26.42
C CYS B 167 -3.38 -1.89 -26.17
N VAL B 168 -2.14 -1.46 -26.34
CA VAL B 168 -1.80 -0.05 -26.35
C VAL B 168 -2.04 0.56 -27.72
N GLY B 169 -1.68 -0.16 -28.78
CA GLY B 169 -1.80 0.34 -30.15
C GLY B 169 -3.21 0.60 -30.63
N ASN B 170 -4.22 0.19 -29.87
CA ASN B 170 -5.58 0.63 -30.14
C ASN B 170 -5.89 1.96 -29.48
N TRP B 171 -5.45 2.18 -28.25
CA TRP B 171 -5.80 3.39 -27.52
C TRP B 171 -4.92 4.58 -27.89
N PHE B 172 -3.66 4.53 -27.49
CA PHE B 172 -2.79 5.70 -27.59
C PHE B 172 -2.13 5.69 -28.97
N GLY B 173 -2.95 5.95 -29.97
CA GLY B 173 -2.46 6.00 -31.33
C GLY B 173 -2.04 4.67 -31.92
N LYS B 174 -1.76 4.65 -33.21
CA LYS B 174 -1.32 3.45 -33.90
C LYS B 174 0.20 3.48 -34.07
N GLY B 175 0.89 3.60 -32.94
CA GLY B 175 2.33 3.72 -32.91
C GLY B 175 2.75 5.16 -32.69
N LYS B 176 3.05 5.53 -31.45
CA LYS B 176 3.31 6.90 -31.08
C LYS B 176 4.64 7.02 -30.34
N ARG B 177 5.12 8.25 -30.26
CA ARG B 177 6.35 8.56 -29.56
C ARG B 177 6.06 9.66 -28.55
N GLY B 178 7.08 10.21 -27.93
CA GLY B 178 6.91 11.28 -26.97
C GLY B 178 7.59 10.97 -25.66
N PHE B 179 7.23 11.74 -24.64
CA PHE B 179 7.86 11.59 -23.34
C PHE B 179 7.11 10.66 -22.42
N ILE B 180 5.80 10.48 -22.63
CA ILE B 180 5.05 9.54 -21.81
C ILE B 180 5.38 8.11 -22.20
N MET B 181 5.54 7.85 -23.50
CA MET B 181 6.03 6.56 -23.96
C MET B 181 7.47 6.29 -23.55
N GLY B 182 8.29 7.33 -23.37
CA GLY B 182 9.65 7.13 -22.91
C GLY B 182 9.71 6.65 -21.47
N ILE B 183 8.70 6.97 -20.67
CA ILE B 183 8.60 6.40 -19.34
C ILE B 183 7.88 5.06 -19.37
N TRP B 184 6.95 4.86 -20.32
CA TRP B 184 6.28 3.56 -20.42
C TRP B 184 7.24 2.46 -20.85
N ASN B 185 8.27 2.79 -21.63
CA ASN B 185 9.22 1.77 -22.03
C ASN B 185 10.21 1.38 -20.93
N SER B 186 10.11 1.94 -19.73
CA SER B 186 10.98 1.57 -18.62
C SER B 186 10.47 0.34 -17.87
N HIS B 187 9.39 -0.27 -18.33
CA HIS B 187 8.82 -1.42 -17.64
C HIS B 187 9.73 -2.64 -17.72
N THR B 188 10.44 -2.80 -18.84
CA THR B 188 11.35 -3.92 -18.99
C THR B 188 12.55 -3.84 -18.07
N SER B 189 12.87 -2.65 -17.57
CA SER B 189 13.94 -2.53 -16.58
C SER B 189 13.43 -2.55 -15.16
N VAL B 190 12.22 -2.03 -14.91
CA VAL B 190 11.68 -2.11 -13.56
C VAL B 190 11.30 -3.56 -13.21
N GLY B 191 10.87 -4.33 -14.22
CA GLY B 191 10.57 -5.74 -13.99
C GLY B 191 11.78 -6.59 -13.68
N ASN B 192 12.98 -6.11 -14.00
CA ASN B 192 14.22 -6.73 -13.54
C ASN B 192 14.72 -6.15 -12.23
N ILE B 193 14.51 -4.86 -11.99
CA ILE B 193 15.03 -4.25 -10.77
C ILE B 193 14.22 -4.67 -9.55
N LEU B 194 12.97 -5.10 -9.72
CA LEU B 194 12.25 -5.66 -8.57
C LEU B 194 12.06 -7.15 -8.66
N GLY B 195 12.61 -7.81 -9.68
CA GLY B 195 12.68 -9.25 -9.70
C GLY B 195 13.90 -9.80 -8.99
N SER B 196 14.86 -8.95 -8.64
CA SER B 196 16.03 -9.31 -7.87
C SER B 196 15.84 -9.09 -6.38
N LEU B 197 15.15 -8.02 -6.00
CA LEU B 197 14.95 -7.74 -4.58
C LEU B 197 13.97 -8.72 -3.96
N ILE B 198 12.90 -9.06 -4.67
CA ILE B 198 11.90 -9.97 -4.14
C ILE B 198 12.47 -11.38 -4.03
N ALA B 199 13.09 -11.86 -5.09
CA ALA B 199 13.54 -13.25 -5.16
C ALA B 199 14.92 -13.46 -4.58
N GLY B 200 15.56 -12.42 -4.04
CA GLY B 200 16.83 -12.56 -3.39
C GLY B 200 16.74 -12.79 -1.91
N ILE B 201 15.53 -12.72 -1.35
CA ILE B 201 15.34 -12.85 0.10
C ILE B 201 15.59 -14.28 0.54
N TRP B 202 15.06 -15.25 -0.19
CA TRP B 202 15.12 -16.64 0.21
C TRP B 202 16.24 -17.41 -0.49
N VAL B 203 17.35 -16.75 -0.80
CA VAL B 203 18.45 -17.46 -1.45
C VAL B 203 19.39 -18.09 -0.45
N ASN B 204 19.90 -17.30 0.49
CA ASN B 204 20.66 -17.86 1.61
C ASN B 204 19.66 -18.48 2.57
N GLY B 205 19.34 -19.74 2.32
CA GLY B 205 18.29 -20.44 3.03
C GLY B 205 17.72 -21.51 2.13
N GLN B 206 16.40 -21.52 1.98
CA GLN B 206 15.73 -22.45 1.09
C GLN B 206 15.28 -21.71 -0.17
N TRP B 207 15.85 -22.11 -1.31
CA TRP B 207 15.65 -21.40 -2.56
C TRP B 207 14.39 -21.81 -3.30
N GLY B 208 13.48 -22.55 -2.66
CA GLY B 208 12.21 -22.80 -3.29
C GLY B 208 11.33 -21.57 -3.32
N LEU B 209 11.36 -20.78 -2.25
CA LEU B 209 10.57 -19.55 -2.17
C LEU B 209 11.17 -18.39 -2.95
N SER B 210 12.28 -18.58 -3.64
CA SER B 210 12.73 -17.57 -4.57
C SER B 210 12.03 -17.68 -5.91
N PHE B 211 11.23 -18.73 -6.11
CA PHE B 211 10.46 -18.92 -7.33
C PHE B 211 8.96 -18.91 -7.09
N ILE B 212 8.49 -19.40 -5.94
CA ILE B 212 7.06 -19.58 -5.76
C ILE B 212 6.37 -18.24 -5.50
N VAL B 213 7.08 -17.28 -4.90
CA VAL B 213 6.51 -15.96 -4.68
C VAL B 213 6.28 -15.20 -6.00
N PRO B 214 7.22 -15.09 -6.96
CA PRO B 214 6.84 -14.46 -8.23
C PRO B 214 5.86 -15.28 -9.05
N GLY B 215 5.88 -16.61 -8.91
CA GLY B 215 4.86 -17.43 -9.53
C GLY B 215 3.48 -17.26 -8.94
N ILE B 216 3.37 -16.71 -7.73
CA ILE B 216 2.08 -16.34 -7.19
C ILE B 216 1.70 -14.93 -7.62
N ILE B 217 2.66 -14.00 -7.66
CA ILE B 217 2.30 -12.62 -8.01
C ILE B 217 1.92 -12.50 -9.49
N THR B 218 2.58 -13.27 -10.36
CA THR B 218 2.15 -13.29 -11.76
C THR B 218 0.76 -13.92 -11.91
N ALA B 219 0.46 -14.98 -11.16
CA ALA B 219 -0.85 -15.60 -11.27
C ALA B 219 -1.95 -14.73 -10.67
N VAL B 220 -1.62 -13.84 -9.75
CA VAL B 220 -2.61 -12.89 -9.25
C VAL B 220 -2.79 -11.73 -10.23
N MET B 221 -1.72 -11.28 -10.89
CA MET B 221 -1.89 -10.34 -12.01
C MET B 221 -2.46 -10.98 -13.26
N GLY B 222 -2.71 -12.28 -13.26
CA GLY B 222 -3.53 -12.91 -14.26
C GLY B 222 -5.01 -12.84 -13.99
N VAL B 223 -5.41 -12.16 -12.92
CA VAL B 223 -6.81 -12.02 -12.56
C VAL B 223 -7.26 -10.56 -12.68
N ILE B 224 -6.43 -9.62 -12.27
CA ILE B 224 -6.73 -8.19 -12.43
C ILE B 224 -6.83 -7.84 -13.92
N THR B 225 -6.00 -8.47 -14.74
CA THR B 225 -6.13 -8.33 -16.19
C THR B 225 -7.40 -9.01 -16.70
N PHE B 226 -7.82 -10.12 -16.07
CA PHE B 226 -9.04 -10.79 -16.48
C PHE B 226 -10.27 -9.99 -16.13
N LEU B 227 -10.17 -9.06 -15.18
CA LEU B 227 -11.33 -8.32 -14.71
C LEU B 227 -11.36 -6.86 -15.15
N PHE B 228 -10.22 -6.26 -15.50
CA PHE B 228 -10.17 -4.82 -15.69
C PHE B 228 -9.66 -4.36 -17.04
N LEU B 229 -9.24 -5.26 -17.92
CA LEU B 229 -8.64 -4.83 -19.16
C LEU B 229 -9.71 -4.68 -20.24
N ILE B 230 -9.60 -3.61 -21.03
CA ILE B 230 -10.55 -3.29 -22.08
C ILE B 230 -9.78 -3.30 -23.39
N GLU B 231 -10.25 -4.10 -24.35
CA GLU B 231 -9.49 -4.28 -25.59
C GLU B 231 -9.53 -3.03 -26.45
N HIS B 232 -10.72 -2.67 -26.93
CA HIS B 232 -10.91 -1.67 -27.96
C HIS B 232 -11.80 -0.57 -27.42
N PRO B 233 -11.57 0.70 -27.74
CA PRO B 233 -12.47 1.77 -27.26
C PRO B 233 -13.80 1.88 -28.00
N GLU B 234 -14.18 0.86 -28.76
CA GLU B 234 -15.54 0.77 -29.27
C GLU B 234 -16.52 0.29 -28.22
N ASP B 235 -16.05 -0.26 -27.11
CA ASP B 235 -16.92 -0.83 -26.08
C ASP B 235 -17.34 0.21 -25.05
N VAL B 236 -16.36 0.87 -24.43
CA VAL B 236 -16.64 1.94 -23.48
C VAL B 236 -16.99 3.23 -24.21
N ASP B 237 -16.67 3.30 -25.51
CA ASP B 237 -17.02 4.39 -26.43
C ASP B 237 -16.41 5.71 -25.98
N CYS B 238 -15.08 5.74 -26.02
CA CYS B 238 -14.30 6.95 -25.86
C CYS B 238 -14.02 7.55 -27.24
N ALA B 239 -13.12 8.51 -27.30
CA ALA B 239 -12.76 9.06 -28.59
C ALA B 239 -11.72 8.17 -29.28
N PRO B 240 -11.86 7.93 -30.58
CA PRO B 240 -10.90 7.09 -31.31
C PRO B 240 -9.55 7.77 -31.42
N PRO B 241 -8.46 7.01 -31.63
CA PRO B 241 -7.12 7.64 -31.61
C PRO B 241 -6.81 8.52 -32.81
N GLN B 242 -5.61 9.07 -32.83
CA GLN B 242 -5.17 9.96 -33.89
C GLN B 242 -4.94 9.14 -35.16
N HIS B 243 -5.91 9.19 -36.07
CA HIS B 243 -5.82 8.46 -37.33
C HIS B 243 -4.77 9.12 -38.23
N HIS B 244 -3.63 8.46 -38.38
CA HIS B 244 -2.56 8.96 -39.23
C HIS B 244 -2.20 7.94 -40.29
N ILE B 286 5.45 -19.03 -49.47
CA ILE B 286 6.64 -18.84 -48.64
C ILE B 286 7.79 -18.29 -49.46
N SER B 287 8.87 -17.93 -48.76
CA SER B 287 10.11 -17.39 -49.33
C SER B 287 9.84 -16.13 -50.16
N PHE B 288 9.34 -15.10 -49.48
CA PHE B 288 9.02 -13.84 -50.13
C PHE B 288 10.29 -13.11 -50.52
N PHE B 289 10.74 -13.33 -51.76
CA PHE B 289 11.92 -12.75 -52.40
C PHE B 289 13.24 -13.13 -51.72
N GLY B 290 13.22 -14.08 -50.78
CA GLY B 290 14.41 -14.73 -50.27
C GLY B 290 15.47 -13.86 -49.63
N ALA B 291 15.18 -13.29 -48.45
CA ALA B 291 16.09 -12.45 -47.67
C ALA B 291 16.53 -11.22 -48.49
N LEU B 292 15.54 -10.33 -48.68
CA LEU B 292 15.45 -9.25 -49.65
C LEU B 292 16.75 -8.53 -50.01
N ARG B 293 17.01 -8.36 -51.30
CA ARG B 293 18.24 -7.75 -51.79
C ARG B 293 18.24 -6.23 -51.70
N ILE B 294 17.17 -5.62 -51.18
CA ILE B 294 17.10 -4.17 -50.99
C ILE B 294 18.05 -3.80 -49.84
N PRO B 295 18.57 -2.55 -49.77
CA PRO B 295 19.56 -2.24 -48.73
C PRO B 295 18.99 -2.05 -47.33
N GLY B 296 18.11 -2.94 -46.93
CA GLY B 296 17.51 -3.01 -45.60
C GLY B 296 17.91 -4.27 -44.88
N VAL B 297 17.04 -5.27 -45.01
CA VAL B 297 16.95 -6.52 -44.24
C VAL B 297 18.27 -7.22 -43.94
N VAL B 298 19.07 -7.51 -44.96
CA VAL B 298 20.23 -8.35 -44.69
C VAL B 298 21.39 -7.58 -44.07
N GLU B 299 21.47 -6.27 -44.29
CA GLU B 299 22.52 -5.47 -43.69
C GLU B 299 22.08 -4.82 -42.39
N PHE B 300 20.86 -5.09 -41.95
CA PHE B 300 20.32 -4.61 -40.70
C PHE B 300 19.98 -5.73 -39.73
N SER B 301 19.58 -6.89 -40.25
CA SER B 301 19.09 -7.98 -39.41
C SER B 301 20.19 -8.56 -38.55
N LEU B 302 21.44 -8.41 -38.98
CA LEU B 302 22.58 -8.85 -38.21
C LEU B 302 23.08 -7.75 -37.26
N CYS B 303 22.20 -6.85 -36.85
CA CYS B 303 22.48 -5.89 -35.80
C CYS B 303 21.69 -6.12 -34.54
N LEU B 304 20.40 -6.46 -34.65
CA LEU B 304 19.64 -6.87 -33.47
C LEU B 304 20.16 -8.18 -32.90
N LEU B 305 20.68 -9.06 -33.77
CA LEU B 305 21.31 -10.31 -33.36
C LEU B 305 22.49 -10.09 -32.43
N PHE B 306 23.15 -8.93 -32.52
CA PHE B 306 24.25 -8.57 -31.62
C PHE B 306 23.79 -7.70 -30.46
N ALA B 307 22.85 -6.79 -30.71
CA ALA B 307 22.48 -5.84 -29.66
C ALA B 307 21.51 -6.45 -28.67
N LYS B 308 21.03 -7.66 -28.93
CA LYS B 308 20.34 -8.40 -27.88
C LYS B 308 21.26 -9.41 -27.20
N LEU B 309 22.26 -9.92 -27.94
CA LEU B 309 23.26 -10.82 -27.39
C LEU B 309 24.17 -10.12 -26.38
N VAL B 310 24.37 -8.81 -26.52
CA VAL B 310 25.10 -8.06 -25.50
C VAL B 310 24.33 -8.04 -24.19
N SER B 311 23.04 -7.69 -24.25
CA SER B 311 22.32 -7.41 -23.03
C SER B 311 21.81 -8.67 -22.33
N TYR B 312 21.57 -9.77 -23.04
CA TYR B 312 21.12 -10.94 -22.30
C TYR B 312 22.24 -11.66 -21.56
N THR B 313 23.49 -11.45 -21.95
CA THR B 313 24.61 -11.95 -21.16
C THR B 313 24.67 -11.23 -19.81
N PHE B 314 24.41 -9.94 -19.80
CA PHE B 314 24.31 -9.22 -18.53
C PHE B 314 23.02 -9.52 -17.79
N LEU B 315 21.97 -9.98 -18.47
CA LEU B 315 20.82 -10.43 -17.70
C LEU B 315 20.97 -11.81 -17.11
N TYR B 316 21.82 -12.68 -17.66
CA TYR B 316 21.93 -14.02 -17.10
C TYR B 316 23.30 -14.39 -16.54
N TRP B 317 24.28 -13.50 -16.58
CA TRP B 317 25.57 -13.85 -16.00
C TRP B 317 26.24 -12.71 -15.26
N LEU B 318 25.54 -11.62 -14.97
CA LEU B 318 26.15 -10.60 -14.13
C LEU B 318 26.09 -10.92 -12.64
N PRO B 319 24.97 -11.45 -12.04
CA PRO B 319 25.03 -11.81 -10.62
C PRO B 319 25.85 -13.05 -10.31
N LEU B 320 26.46 -13.66 -11.31
CA LEU B 320 27.54 -14.61 -11.09
C LEU B 320 28.90 -13.97 -11.28
N TYR B 321 28.99 -12.90 -12.07
CA TYR B 321 30.22 -12.12 -12.15
C TYR B 321 30.52 -11.42 -10.83
N ILE B 322 29.50 -10.86 -10.20
CA ILE B 322 29.73 -10.13 -8.95
C ILE B 322 29.97 -11.14 -7.83
N ALA B 323 29.32 -12.30 -7.93
CA ALA B 323 29.45 -13.31 -6.88
C ALA B 323 30.79 -14.03 -6.94
N ASN B 324 31.35 -14.15 -8.15
CA ASN B 324 32.54 -14.98 -8.30
C ASN B 324 33.83 -14.17 -8.10
N VAL B 325 34.07 -13.16 -8.93
CA VAL B 325 35.37 -12.49 -8.94
C VAL B 325 35.22 -11.05 -8.51
N ALA B 326 34.29 -10.80 -7.60
CA ALA B 326 34.17 -9.53 -6.92
C ALA B 326 34.03 -9.88 -5.44
N HIS B 327 33.51 -8.94 -4.65
CA HIS B 327 33.30 -9.19 -3.22
C HIS B 327 32.40 -10.39 -3.00
N PHE B 328 32.89 -11.33 -2.21
CA PHE B 328 32.38 -12.70 -2.22
C PHE B 328 31.07 -12.81 -1.44
N SER B 329 29.99 -12.29 -1.99
CA SER B 329 28.69 -12.33 -1.35
C SER B 329 27.82 -13.41 -1.99
N ALA B 330 26.59 -13.53 -1.50
CA ALA B 330 25.61 -14.43 -2.09
C ALA B 330 24.31 -13.72 -2.37
N LYS B 331 23.94 -12.79 -1.50
CA LYS B 331 22.76 -11.97 -1.67
C LYS B 331 23.09 -10.52 -2.00
N GLU B 332 24.16 -9.97 -1.40
CA GLU B 332 24.62 -8.64 -1.74
C GLU B 332 25.13 -8.56 -3.17
N ALA B 333 25.69 -9.66 -3.66
CA ALA B 333 26.14 -9.71 -5.05
C ALA B 333 24.94 -9.67 -6.00
N GLY B 334 23.83 -10.26 -5.59
CA GLY B 334 22.60 -10.14 -6.36
C GLY B 334 22.00 -8.76 -6.24
N ASP B 335 22.20 -8.10 -5.10
CA ASP B 335 21.58 -6.78 -4.92
C ASP B 335 22.36 -5.68 -5.64
N LEU B 336 23.67 -5.85 -5.81
CA LEU B 336 24.43 -4.91 -6.63
C LEU B 336 24.19 -5.11 -8.12
N SER B 337 23.49 -6.16 -8.51
CA SER B 337 23.09 -6.29 -9.90
C SER B 337 21.94 -5.37 -10.26
N THR B 338 21.27 -4.78 -9.27
CA THR B 338 20.16 -3.87 -9.56
C THR B 338 20.65 -2.47 -9.93
N LEU B 339 21.92 -2.16 -9.68
CA LEU B 339 22.45 -0.89 -10.17
C LEU B 339 22.98 -1.01 -11.59
N PHE B 340 22.73 -2.15 -12.25
CA PHE B 340 22.90 -2.20 -13.69
C PHE B 340 21.60 -1.76 -14.37
N ASP B 341 20.49 -1.84 -13.64
CA ASP B 341 19.18 -1.53 -14.20
C ASP B 341 18.63 -0.20 -13.71
N VAL B 342 19.49 0.72 -13.26
CA VAL B 342 19.13 2.14 -13.25
C VAL B 342 19.80 2.87 -14.40
N GLY B 343 20.92 2.36 -14.90
CA GLY B 343 21.40 2.79 -16.19
C GLY B 343 20.43 2.45 -17.30
N GLY B 344 19.76 1.31 -17.18
CA GLY B 344 18.71 0.94 -18.12
C GLY B 344 17.48 1.81 -18.09
N ILE B 345 17.34 2.68 -17.09
CA ILE B 345 16.28 3.68 -17.06
C ILE B 345 16.79 5.03 -17.52
N ILE B 346 17.96 5.45 -17.03
CA ILE B 346 18.52 6.75 -17.39
C ILE B 346 18.87 6.81 -18.87
N GLY B 347 19.45 5.74 -19.40
CA GLY B 347 19.75 5.69 -20.82
C GLY B 347 18.52 5.57 -21.70
N GLY B 348 17.39 5.20 -21.14
CA GLY B 348 16.16 5.23 -21.90
C GLY B 348 15.60 6.63 -21.95
N ILE B 349 15.56 7.28 -20.78
CA ILE B 349 14.94 8.60 -20.67
C ILE B 349 15.75 9.63 -21.43
N VAL B 350 17.08 9.59 -21.31
CA VAL B 350 17.93 10.59 -21.96
C VAL B 350 17.94 10.39 -23.47
N ALA B 351 17.92 9.15 -23.93
CA ALA B 351 17.87 8.91 -25.37
C ALA B 351 16.54 9.32 -25.96
N GLY B 352 15.43 9.02 -25.28
CA GLY B 352 14.13 9.47 -25.77
C GLY B 352 13.95 10.97 -25.71
N LEU B 353 14.65 11.64 -24.80
CA LEU B 353 14.59 13.10 -24.76
C LEU B 353 15.46 13.73 -25.84
N VAL B 354 16.65 13.18 -26.08
CA VAL B 354 17.59 13.83 -26.98
C VAL B 354 17.24 13.54 -28.44
N SER B 355 16.88 12.29 -28.75
CA SER B 355 16.69 11.89 -30.15
C SER B 355 15.45 12.53 -30.79
N ASP B 356 14.55 13.10 -29.98
CA ASP B 356 13.42 13.82 -30.56
C ASP B 356 13.78 15.25 -30.92
N TYR B 357 14.53 15.94 -30.08
CA TYR B 357 14.86 17.34 -30.31
C TYR B 357 16.17 17.51 -31.07
N THR B 358 16.58 16.52 -31.86
CA THR B 358 17.80 16.63 -32.65
C THR B 358 17.55 16.03 -34.05
N ASN B 359 16.28 15.75 -34.38
CA ASN B 359 15.81 15.35 -35.71
C ASN B 359 16.46 14.03 -36.17
N GLY B 360 16.80 13.15 -35.25
CA GLY B 360 17.42 11.89 -35.61
C GLY B 360 17.42 10.88 -34.49
N ARG B 361 17.13 9.62 -34.82
CA ARG B 361 17.10 8.55 -33.83
C ARG B 361 18.27 7.60 -33.94
N ALA B 362 18.91 7.52 -35.10
CA ALA B 362 20.06 6.63 -35.25
C ALA B 362 21.33 7.25 -34.70
N THR B 363 21.44 8.58 -34.74
CA THR B 363 22.63 9.25 -34.24
C THR B 363 22.70 9.29 -32.73
N THR B 364 21.64 8.89 -32.02
CA THR B 364 21.72 8.63 -30.59
C THR B 364 21.90 7.16 -30.28
N CYS B 365 21.97 6.31 -31.32
CA CYS B 365 22.28 4.92 -31.09
C CYS B 365 23.71 4.57 -31.48
N CYS B 366 24.22 5.17 -32.56
CA CYS B 366 25.58 4.90 -33.00
C CYS B 366 26.61 5.41 -32.00
N VAL B 367 26.40 6.61 -31.47
CA VAL B 367 27.35 7.18 -30.52
C VAL B 367 27.28 6.44 -29.18
N MET B 368 26.08 6.05 -28.76
CA MET B 368 25.97 5.33 -27.50
C MET B 368 26.32 3.86 -27.63
N LEU B 369 26.51 3.35 -28.84
CA LEU B 369 27.14 2.04 -28.93
C LEU B 369 28.65 2.12 -29.12
N ILE B 370 29.15 3.23 -29.69
CA ILE B 370 30.59 3.32 -29.90
C ILE B 370 31.34 3.70 -28.61
N LEU B 371 30.62 4.14 -27.57
CA LEU B 371 31.28 4.54 -26.34
C LEU B 371 31.15 3.51 -25.22
N ALA B 372 30.31 2.48 -25.38
CA ALA B 372 30.24 1.46 -24.35
C ALA B 372 31.46 0.56 -24.38
N ALA B 373 32.05 0.36 -25.56
CA ALA B 373 33.21 -0.49 -25.70
C ALA B 373 34.50 0.06 -25.05
N PRO B 374 34.79 1.38 -25.05
CA PRO B 374 35.90 1.83 -24.19
C PRO B 374 35.59 1.75 -22.71
N MET B 375 34.33 1.71 -22.31
CA MET B 375 34.03 1.79 -20.89
C MET B 375 33.96 0.43 -20.22
N MET B 376 33.43 -0.59 -20.92
CA MET B 376 33.35 -1.93 -20.35
C MET B 376 34.73 -2.52 -20.11
N PHE B 377 35.70 -2.20 -20.99
CA PHE B 377 37.07 -2.65 -20.81
C PHE B 377 37.70 -2.00 -19.58
N LEU B 378 37.38 -0.74 -19.31
CA LEU B 378 37.84 -0.08 -18.09
C LEU B 378 37.12 -0.56 -16.86
N TYR B 379 35.88 -1.04 -17.00
CA TYR B 379 35.18 -1.67 -15.88
C TYR B 379 35.76 -3.02 -15.50
N ASN B 380 36.19 -3.80 -16.50
CA ASN B 380 36.86 -5.07 -16.19
C ASN B 380 38.30 -4.85 -15.74
N TYR B 381 38.85 -3.65 -15.97
CA TYR B 381 40.23 -3.39 -15.59
C TYR B 381 40.41 -3.30 -14.08
N ILE B 382 39.40 -2.79 -13.37
CA ILE B 382 39.55 -2.62 -11.93
C ILE B 382 38.60 -3.56 -11.18
N GLY B 383 37.29 -3.28 -11.26
CA GLY B 383 36.23 -4.15 -10.77
C GLY B 383 36.19 -4.56 -9.32
N GLN B 384 37.19 -4.23 -8.52
CA GLN B 384 37.32 -4.78 -7.18
C GLN B 384 37.72 -3.77 -6.11
N ASP B 385 38.21 -2.58 -6.47
CA ASP B 385 38.82 -1.67 -5.52
C ASP B 385 37.71 -0.94 -4.75
N GLY B 386 37.13 -1.65 -3.79
CA GLY B 386 36.07 -1.12 -2.95
C GLY B 386 34.75 -0.95 -3.68
N ILE B 387 33.69 -0.61 -2.95
CA ILE B 387 32.44 -0.22 -3.61
C ILE B 387 32.52 1.30 -3.82
N ALA B 388 33.34 1.68 -4.80
CA ALA B 388 33.33 3.03 -5.36
C ALA B 388 33.18 2.90 -6.86
N SER B 389 33.98 2.03 -7.46
CA SER B 389 33.98 1.82 -8.90
C SER B 389 33.09 0.66 -9.31
N SER B 390 32.49 -0.06 -8.36
CA SER B 390 31.43 -0.99 -8.67
C SER B 390 30.05 -0.38 -8.49
N ILE B 391 29.99 0.93 -8.26
CA ILE B 391 28.75 1.66 -8.10
C ILE B 391 28.54 2.67 -9.23
N VAL B 392 29.56 3.48 -9.51
CA VAL B 392 29.40 4.55 -10.48
C VAL B 392 29.79 4.13 -11.90
N MET B 393 30.70 3.17 -12.06
CA MET B 393 31.04 2.69 -13.39
C MET B 393 29.96 1.75 -13.92
N LEU B 394 29.30 1.03 -13.02
CA LEU B 394 28.32 0.02 -13.42
C LEU B 394 27.03 0.66 -13.92
N ILE B 395 26.65 1.80 -13.32
CA ILE B 395 25.46 2.52 -13.76
C ILE B 395 25.64 3.04 -15.18
N ILE B 396 26.78 3.67 -15.44
CA ILE B 396 27.00 4.25 -16.76
C ILE B 396 27.33 3.16 -17.78
N CYS B 397 27.82 2.00 -17.35
CA CYS B 397 27.85 0.86 -18.27
C CYS B 397 26.45 0.30 -18.48
N GLY B 398 25.51 0.58 -17.58
CA GLY B 398 24.13 0.20 -17.82
C GLY B 398 23.37 1.20 -18.66
N GLY B 399 23.81 2.45 -18.68
CA GLY B 399 23.18 3.46 -19.51
C GLY B 399 23.63 3.48 -20.94
N LEU B 400 24.71 2.78 -21.26
CA LEU B 400 25.27 2.78 -22.60
C LEU B 400 24.96 1.51 -23.38
N VAL B 401 24.32 0.52 -22.76
CA VAL B 401 23.95 -0.70 -23.47
C VAL B 401 22.46 -1.00 -23.42
N ASN B 402 21.70 -0.48 -22.46
CA ASN B 402 20.26 -0.71 -22.44
C ASN B 402 19.45 0.48 -22.88
N GLY B 403 20.09 1.61 -23.17
CA GLY B 403 19.43 2.74 -23.78
C GLY B 403 19.03 2.45 -25.21
N PRO B 404 20.02 2.27 -26.09
CA PRO B 404 19.72 1.90 -27.48
C PRO B 404 19.18 0.48 -27.67
N TYR B 405 18.94 -0.28 -26.61
CA TYR B 405 18.23 -1.55 -26.76
C TYR B 405 16.77 -1.34 -27.11
N ALA B 406 16.20 -0.20 -26.72
CA ALA B 406 14.79 0.08 -26.91
C ALA B 406 14.52 1.11 -28.02
N LEU B 407 15.52 1.43 -28.84
CA LEU B 407 15.35 2.40 -29.92
C LEU B 407 15.63 1.86 -31.30
N ILE B 408 16.55 0.90 -31.45
CA ILE B 408 16.91 0.44 -32.79
C ILE B 408 15.86 -0.47 -33.41
N THR B 409 14.81 -0.83 -32.68
CA THR B 409 13.66 -1.46 -33.30
C THR B 409 12.66 -0.45 -33.84
N THR B 410 12.69 0.78 -33.35
CA THR B 410 11.87 1.85 -33.92
C THR B 410 12.55 2.53 -35.09
N ALA B 411 13.87 2.38 -35.22
CA ALA B 411 14.57 2.99 -36.34
C ALA B 411 14.22 2.30 -37.66
N VAL B 412 14.10 0.98 -37.65
CA VAL B 412 13.72 0.27 -38.86
C VAL B 412 12.24 0.50 -39.20
N SER B 413 11.38 0.61 -38.19
CA SER B 413 9.98 0.91 -38.47
C SER B 413 9.79 2.36 -38.88
N ALA B 414 10.72 3.24 -38.53
CA ALA B 414 10.65 4.62 -38.99
C ALA B 414 11.22 4.79 -40.39
N ASP B 415 12.25 4.00 -40.74
CA ASP B 415 12.88 4.16 -42.04
C ASP B 415 12.29 3.25 -43.11
N LEU B 416 12.03 1.98 -42.79
CA LEU B 416 11.59 1.01 -43.78
C LEU B 416 10.09 0.97 -43.96
N GLY B 417 9.41 2.07 -43.68
CA GLY B 417 8.06 2.26 -44.18
C GLY B 417 8.12 3.05 -45.47
N THR B 418 9.27 3.68 -45.71
CA THR B 418 9.48 4.53 -46.88
C THR B 418 10.33 3.76 -47.90
N HIS B 419 9.64 3.03 -48.76
CA HIS B 419 10.30 2.25 -49.79
C HIS B 419 9.33 2.13 -50.96
N LYS B 420 9.83 1.56 -52.07
CA LYS B 420 8.98 1.26 -53.22
C LYS B 420 7.88 0.27 -52.87
N SER B 421 8.15 -0.64 -51.94
CA SER B 421 7.10 -1.39 -51.27
C SER B 421 6.54 -0.47 -50.18
N LEU B 422 5.48 0.25 -50.52
CA LEU B 422 4.94 1.28 -49.65
C LEU B 422 4.21 0.67 -48.45
N LYS B 423 3.65 1.55 -47.62
CA LYS B 423 2.93 1.14 -46.42
C LYS B 423 1.62 0.42 -46.74
N GLY B 424 1.12 0.53 -47.97
CA GLY B 424 -0.08 -0.18 -48.36
C GLY B 424 0.09 -1.68 -48.52
N ASN B 425 1.32 -2.17 -48.56
CA ASN B 425 1.59 -3.60 -48.67
C ASN B 425 1.71 -4.21 -47.27
N ALA B 426 0.54 -4.48 -46.69
CA ALA B 426 0.49 -5.05 -45.35
C ALA B 426 0.93 -6.50 -45.31
N LYS B 427 0.91 -7.20 -46.45
CA LYS B 427 1.34 -8.59 -46.48
C LYS B 427 2.85 -8.73 -46.46
N ALA B 428 3.59 -7.65 -46.68
CA ALA B 428 5.05 -7.68 -46.66
C ALA B 428 5.67 -6.75 -45.63
N LEU B 429 5.02 -5.63 -45.30
CA LEU B 429 5.58 -4.72 -44.30
C LEU B 429 5.51 -5.33 -42.91
N SER B 430 4.52 -6.19 -42.67
CA SER B 430 4.53 -7.00 -41.46
C SER B 430 5.54 -8.14 -41.55
N THR B 431 5.75 -8.67 -42.76
CA THR B 431 6.59 -9.84 -42.94
C THR B 431 8.07 -9.51 -42.69
N VAL B 432 8.53 -8.36 -43.18
CA VAL B 432 9.93 -8.00 -42.94
C VAL B 432 10.20 -7.64 -41.48
N THR B 433 9.23 -7.03 -40.79
CA THR B 433 9.39 -6.80 -39.36
C THR B 433 9.34 -8.10 -38.57
N ALA B 434 8.56 -9.08 -39.04
CA ALA B 434 8.61 -10.42 -38.48
C ALA B 434 9.95 -11.10 -38.69
N ILE B 435 10.59 -10.88 -39.84
CA ILE B 435 11.93 -11.41 -40.10
C ILE B 435 12.96 -10.78 -39.15
N ILE B 436 12.87 -9.46 -38.97
CA ILE B 436 13.80 -8.76 -38.08
C ILE B 436 13.62 -9.21 -36.63
N ASP B 437 12.37 -9.28 -36.17
CA ASP B 437 12.15 -9.69 -34.78
C ASP B 437 12.35 -11.18 -34.58
N GLY B 438 12.31 -11.99 -35.65
CA GLY B 438 12.64 -13.39 -35.52
C GLY B 438 14.13 -13.63 -35.45
N THR B 439 14.91 -12.78 -36.14
CA THR B 439 16.36 -12.83 -35.92
C THR B 439 16.71 -12.30 -34.54
N GLY B 440 15.96 -11.31 -34.05
CA GLY B 440 16.15 -10.81 -32.70
C GLY B 440 15.89 -11.85 -31.62
N SER B 441 15.04 -12.84 -31.89
CA SER B 441 14.80 -13.88 -30.92
C SER B 441 15.79 -15.04 -31.04
N ILE B 442 16.55 -15.11 -32.13
CA ILE B 442 17.74 -15.95 -32.17
C ILE B 442 18.91 -15.23 -31.52
N GLY B 443 18.84 -13.91 -31.41
CA GLY B 443 19.82 -13.15 -30.64
C GLY B 443 19.85 -13.45 -29.16
N ALA B 444 18.76 -14.00 -28.62
CA ALA B 444 18.73 -14.40 -27.22
C ALA B 444 19.49 -15.70 -27.01
N ALA B 445 19.30 -16.66 -27.91
CA ALA B 445 19.72 -18.03 -27.66
C ALA B 445 21.21 -18.24 -27.84
N LEU B 446 21.94 -17.24 -28.32
CA LEU B 446 23.39 -17.36 -28.47
C LEU B 446 24.17 -16.56 -27.45
N GLY B 447 23.50 -15.88 -26.52
CA GLY B 447 24.20 -15.18 -25.48
C GLY B 447 24.61 -16.08 -24.32
N PRO B 448 23.63 -16.57 -23.55
CA PRO B 448 23.95 -17.44 -22.42
C PRO B 448 24.45 -18.81 -22.80
N LEU B 449 24.15 -19.29 -24.00
CA LEU B 449 24.78 -20.53 -24.47
C LEU B 449 26.28 -20.33 -24.67
N LEU B 450 26.66 -19.21 -25.26
CA LEU B 450 28.06 -18.97 -25.55
C LEU B 450 28.85 -18.62 -24.30
N ALA B 451 28.23 -17.90 -23.36
CA ALA B 451 28.92 -17.56 -22.12
C ALA B 451 29.23 -18.80 -21.29
N GLY B 452 28.30 -19.77 -21.26
CA GLY B 452 28.50 -20.99 -20.52
C GLY B 452 29.57 -21.90 -21.06
N LEU B 453 30.00 -21.70 -22.31
CA LEU B 453 31.10 -22.46 -22.87
C LEU B 453 32.42 -21.69 -22.84
N ILE B 454 32.38 -20.37 -22.96
CA ILE B 454 33.62 -19.59 -22.88
C ILE B 454 34.09 -19.47 -21.42
N SER B 455 33.16 -19.49 -20.46
CA SER B 455 33.51 -19.34 -19.06
C SER B 455 34.44 -20.40 -18.45
N PRO B 456 34.29 -21.72 -18.67
CA PRO B 456 35.24 -22.65 -18.02
C PRO B 456 36.63 -22.64 -18.61
N THR B 457 36.81 -22.06 -19.81
CA THR B 457 38.15 -21.88 -20.36
C THR B 457 38.78 -20.57 -19.96
N GLY B 458 38.25 -19.90 -18.95
CA GLY B 458 38.73 -18.58 -18.58
C GLY B 458 37.56 -17.63 -18.42
N TRP B 459 37.68 -16.69 -17.50
CA TRP B 459 36.58 -15.78 -17.19
C TRP B 459 36.85 -14.35 -17.64
N ASN B 460 38.11 -14.03 -17.97
CA ASN B 460 38.40 -12.72 -18.53
C ASN B 460 37.93 -12.61 -19.97
N ASN B 461 37.69 -13.73 -20.64
CA ASN B 461 37.44 -13.75 -22.08
C ASN B 461 36.04 -13.29 -22.43
N VAL B 462 35.11 -13.27 -21.47
CA VAL B 462 33.72 -12.90 -21.76
C VAL B 462 33.63 -11.40 -22.08
N PHE B 463 34.39 -10.58 -21.37
CA PHE B 463 34.43 -9.16 -21.73
C PHE B 463 35.30 -8.86 -22.95
N TYR B 464 35.74 -9.88 -23.69
CA TYR B 464 36.26 -9.65 -25.03
C TYR B 464 35.23 -10.00 -26.09
N MET B 465 34.42 -11.03 -25.83
CA MET B 465 33.28 -11.31 -26.69
C MET B 465 32.24 -10.20 -26.61
N LEU B 466 32.13 -9.53 -25.45
CA LEU B 466 31.26 -8.38 -25.32
C LEU B 466 31.93 -7.08 -25.75
N ILE B 467 33.07 -7.16 -26.42
CA ILE B 467 33.58 -6.06 -27.23
C ILE B 467 33.51 -6.37 -28.71
N SER B 468 33.75 -7.64 -29.07
CA SER B 468 33.59 -8.06 -30.46
C SER B 468 32.13 -8.14 -30.88
N ALA B 469 31.18 -8.00 -29.96
CA ALA B 469 29.77 -7.95 -30.30
C ALA B 469 29.18 -6.55 -30.19
N ASP B 470 29.92 -5.60 -29.63
CA ASP B 470 29.41 -4.24 -29.44
C ASP B 470 29.82 -3.31 -30.58
N VAL B 471 31.06 -3.39 -31.04
CA VAL B 471 31.52 -2.56 -32.15
C VAL B 471 30.84 -2.98 -33.44
N LEU B 472 30.58 -4.27 -33.60
CA LEU B 472 29.85 -4.74 -34.78
C LEU B 472 28.38 -4.32 -34.75
N ALA B 473 27.83 -4.01 -33.57
CA ALA B 473 26.52 -3.37 -33.55
C ALA B 473 26.59 -1.94 -34.06
N CYS B 474 27.71 -1.27 -33.79
CA CYS B 474 27.89 0.10 -34.28
C CYS B 474 28.14 0.12 -35.77
N LEU B 475 28.77 -0.91 -36.32
CA LEU B 475 29.15 -0.89 -37.73
C LEU B 475 27.95 -1.07 -38.66
N LEU B 476 26.94 -1.82 -38.25
CA LEU B 476 25.82 -2.13 -39.13
C LEU B 476 24.65 -1.18 -38.99
N LEU B 477 24.85 0.00 -38.39
CA LEU B 477 23.90 1.10 -38.49
C LEU B 477 24.40 2.22 -39.39
N CYS B 478 25.48 1.98 -40.14
CA CYS B 478 25.95 2.97 -41.10
C CYS B 478 24.97 3.18 -42.26
N ARG B 479 24.10 2.21 -42.53
CA ARG B 479 23.00 2.39 -43.47
C ARG B 479 22.08 3.52 -43.03
N LEU B 480 21.82 3.61 -41.72
CA LEU B 480 21.00 4.68 -41.19
C LEU B 480 21.77 5.98 -41.04
N VAL B 481 23.06 5.89 -40.68
CA VAL B 481 23.87 7.09 -40.50
C VAL B 481 24.13 7.80 -41.82
N TYR B 482 24.30 7.04 -42.92
CA TYR B 482 24.51 7.65 -44.23
C TYR B 482 23.28 8.39 -44.71
N LYS B 483 22.09 7.94 -44.30
CA LYS B 483 20.88 8.70 -44.57
C LYS B 483 20.76 9.90 -43.65
N GLU B 484 21.20 9.76 -42.40
CA GLU B 484 21.08 10.82 -41.41
C GLU B 484 21.98 12.02 -41.74
N ILE B 485 23.18 11.75 -42.25
CA ILE B 485 24.08 12.84 -42.65
C ILE B 485 23.51 13.59 -43.85
N LEU B 486 22.94 12.88 -44.82
CA LEU B 486 22.30 13.54 -45.96
C LEU B 486 21.04 14.29 -45.54
N ALA B 487 20.37 13.83 -44.47
CA ALA B 487 19.22 14.57 -43.97
C ALA B 487 19.66 15.86 -43.28
N TRP B 488 20.74 15.81 -42.51
CA TRP B 488 21.24 17.04 -41.91
C TRP B 488 21.93 17.97 -42.92
N LYS B 489 22.32 17.44 -44.07
CA LYS B 489 22.96 18.27 -45.09
C LYS B 489 22.00 19.31 -45.67
N VAL B 490 20.72 18.97 -45.77
CA VAL B 490 19.73 19.93 -46.27
C VAL B 490 19.53 21.06 -45.26
N SER B 491 19.48 20.73 -43.97
CA SER B 491 19.34 21.74 -42.93
C SER B 491 20.60 22.59 -42.81
N LEU B 492 21.76 22.01 -43.11
CA LEU B 492 22.99 22.81 -43.13
C LEU B 492 23.07 23.70 -44.36
N SER B 493 22.50 23.26 -45.49
CA SER B 493 22.52 24.07 -46.70
C SER B 493 21.56 25.24 -46.60
N ARG B 494 20.35 25.00 -46.09
CA ARG B 494 19.40 26.09 -45.88
C ARG B 494 19.79 26.98 -44.71
N GLY B 495 20.57 26.48 -43.78
CA GLY B 495 21.04 27.27 -42.66
C GLY B 495 22.29 28.05 -42.99
C1 G6P C . 11.65 -2.92 -26.16
C2 G6P C . 12.19 -3.28 -27.54
C3 G6P C . 11.22 -4.20 -28.25
C4 G6P C . 10.99 -5.43 -27.40
C5 G6P C . 10.52 -5.01 -26.02
C6 G6P C . 10.36 -6.23 -25.14
O1 G6P C . 10.41 -2.20 -26.26
O2 G6P C . 12.39 -2.09 -28.30
O3 G6P C . 11.75 -4.61 -29.50
O4 G6P C . 10.02 -6.26 -28.01
O5 G6P C . 11.45 -4.12 -25.42
O6 G6P C . 11.62 -6.87 -25.03
P G6P C . 11.72 -8.24 -24.23
O1P G6P C . 13.18 -8.33 -23.91
O2P G6P C . 10.87 -8.03 -23.02
O3P G6P C . 11.20 -9.26 -25.22
#